data_4GAA
#
_entry.id   4GAA
#
_cell.length_a   222.120
_cell.length_b   52.170
_cell.length_c   109.900
_cell.angle_alpha   90.00
_cell.angle_beta   111.58
_cell.angle_gamma   90.00
#
_symmetry.space_group_name_H-M   'C 1 2 1'
#
loop_
_entity.id
_entity.type
_entity.pdbx_description
1 polymer 'MGC78867 protein'
2 non-polymer 'ZINC ION'
3 non-polymer '2-(3-AMINO-2-HYDROXY-4-PHENYL-BUTYRYLAMINO)-4-METHYL-PENTANOIC ACID'
4 water water
#
_entity_poly.entity_id   1
_entity_poly.type   'polypeptide(L)'
_entity_poly.pdbx_seq_one_letter_code
;MADPSSFASPEKFNIKHMHLKLHVDFTSRAIAASTSLTVRSLQDSLASLILDTKDLTIKKVAVNGKDATFALGTTHSFKG
TPLEITLPFSLTRGQEVIVEIDSVTSPKSSALQWLNKEQTAGKIHPYLFSQCQATHCRSIIPCQDTPSVKFTYYSQVSVP
KELMALMSALRDGELSEQSDSNRKIYRFKQNVPIPSYLIALVVGALEGRKVGPRTTIWTEKELLEPSVYEFAETEKMLKY
AEDLAGPYVWGQYDLLILPPSFPYGGMENPCLTFVTPTVLAGDRSLASVIAHEISHSWTGNLVTNETWENFWLNEGHTVY
LERRIDGRLYGEEFRQFKALGGWKELQNSVNTFGATNPLTNLVPNLHEVDVDAAFSSVPYEKGFALLFYLEQLLGGPEIF
LGFLKSYIQMFAFKSVTTEEWKKFLYSYFKDKVDILDKVDWKGWMHTPGMPPVQPKYDMTLANACITLGQKWVKATESDL
GSFSADDVKDLSSHQLIEVLAILLLEKPLPVSHVKRMQEVYNLNDVKNSEIRFRWLRLCIRAGWEDVIPLALAMATEQGR
MKFTRPLYRDLYNFEKAREQTVNTFLKNRSFMHPVTEMLVAKDLHISAS
;
_entity_poly.pdbx_strand_id   A,B
#
loop_
_chem_comp.id
_chem_comp.type
_chem_comp.name
_chem_comp.formula
BES non-polymer '2-(3-AMINO-2-HYDROXY-4-PHENYL-BUTYRYLAMINO)-4-METHYL-PENTANOIC ACID' 'C16 H24 N2 O4'
ZN non-polymer 'ZINC ION' 'Zn 2'
#
# COMPACT_ATOMS: atom_id res chain seq x y z
N ALA A 2 10.78 17.22 10.19
CA ALA A 2 12.23 17.11 10.24
C ALA A 2 12.69 16.28 11.45
N ASP A 3 13.44 15.20 11.18
CA ASP A 3 13.97 14.28 12.19
C ASP A 3 15.14 14.94 12.93
N PRO A 4 15.15 15.01 14.28
CA PRO A 4 16.30 15.64 14.96
C PRO A 4 17.58 14.78 14.97
N SER A 5 17.45 13.48 14.58
CA SER A 5 18.57 12.52 14.54
C SER A 5 19.28 12.54 13.18
N SER A 6 18.70 13.19 12.18
CA SER A 6 19.20 13.29 10.82
C SER A 6 19.55 14.75 10.46
N PHE A 7 20.38 14.95 9.43
CA PHE A 7 20.77 16.26 8.87
C PHE A 7 19.91 16.57 7.66
N ALA A 8 19.31 15.52 7.09
CA ALA A 8 18.49 15.59 5.88
C ALA A 8 17.11 16.19 6.18
N SER A 9 16.53 16.86 5.17
CA SER A 9 15.21 17.47 5.30
C SER A 9 14.20 16.69 4.44
N PRO A 10 13.33 15.86 5.08
CA PRO A 10 12.35 15.08 4.28
C PRO A 10 11.25 15.96 3.67
N GLU A 11 11.09 17.20 4.19
CA GLU A 11 10.11 18.20 3.72
C GLU A 11 10.60 18.91 2.45
N LYS A 12 11.92 18.85 2.18
CA LYS A 12 12.53 19.48 1.00
C LYS A 12 12.60 18.50 -0.15
N PHE A 13 13.02 17.23 0.13
CA PHE A 13 13.14 16.17 -0.86
C PHE A 13 13.04 14.77 -0.24
N ASN A 14 12.93 13.75 -1.10
CA ASN A 14 12.81 12.34 -0.74
C ASN A 14 13.55 11.43 -1.72
N ILE A 15 14.21 10.39 -1.18
CA ILE A 15 14.86 9.33 -1.97
C ILE A 15 13.77 8.30 -2.22
N LYS A 16 13.52 8.00 -3.50
CA LYS A 16 12.46 7.10 -3.90
C LYS A 16 12.99 5.71 -4.32
N HIS A 17 14.25 5.65 -4.75
CA HIS A 17 14.88 4.40 -5.19
C HIS A 17 16.39 4.52 -5.08
N MET A 18 17.04 3.38 -4.82
CA MET A 18 18.47 3.25 -4.76
C MET A 18 18.95 2.07 -5.56
N HIS A 19 19.95 2.29 -6.40
CA HIS A 19 20.66 1.22 -7.11
C HIS A 19 22.03 1.16 -6.42
N LEU A 20 22.35 0.03 -5.76
CA LEU A 20 23.58 -0.10 -4.98
C LEU A 20 24.60 -1.07 -5.58
N LYS A 21 25.77 -0.55 -5.96
CA LYS A 21 26.90 -1.34 -6.43
C LYS A 21 27.91 -1.38 -5.27
N LEU A 22 27.87 -2.45 -4.45
CA LEU A 22 28.72 -2.57 -3.28
C LEU A 22 29.92 -3.49 -3.51
N HIS A 23 31.15 -2.96 -3.28
CA HIS A 23 32.39 -3.72 -3.39
C HIS A 23 32.87 -4.03 -1.97
N VAL A 24 32.75 -5.31 -1.57
CA VAL A 24 33.12 -5.78 -0.22
C VAL A 24 34.57 -6.26 -0.23
N ASP A 25 35.47 -5.60 0.52
CA ASP A 25 36.89 -5.95 0.57
C ASP A 25 37.33 -6.30 2.01
N PHE A 26 37.54 -7.61 2.29
CA PHE A 26 37.92 -8.07 3.64
C PHE A 26 39.34 -7.68 4.02
N THR A 27 40.27 -7.52 3.05
CA THR A 27 41.64 -7.11 3.31
C THR A 27 41.65 -5.64 3.81
N SER A 28 40.88 -4.78 3.15
CA SER A 28 40.75 -3.37 3.50
C SER A 28 39.71 -3.11 4.60
N ARG A 29 38.78 -4.09 4.87
CA ARG A 29 37.65 -3.93 5.80
C ARG A 29 36.88 -2.72 5.29
N ALA A 30 36.49 -2.78 4.01
CA ALA A 30 35.82 -1.64 3.41
C ALA A 30 34.66 -2.03 2.55
N ILE A 31 33.70 -1.10 2.43
CA ILE A 31 32.63 -1.28 1.47
C ILE A 31 32.63 -0.03 0.62
N ALA A 32 33.08 -0.18 -0.63
CA ALA A 32 33.13 0.91 -1.59
C ALA A 32 31.82 0.88 -2.33
N ALA A 33 31.01 1.91 -2.14
CA ALA A 33 29.66 1.93 -2.73
C ALA A 33 29.50 2.99 -3.79
N SER A 34 28.88 2.57 -4.90
CA SER A 34 28.50 3.41 -6.03
C SER A 34 26.98 3.47 -5.97
N THR A 35 26.43 4.46 -5.24
CA THR A 35 25.00 4.57 -5.03
C THR A 35 24.35 5.55 -6.03
N SER A 36 23.28 5.09 -6.71
CA SER A 36 22.49 5.87 -7.67
C SER A 36 21.16 6.18 -7.02
N LEU A 37 20.99 7.44 -6.53
CA LEU A 37 19.77 7.84 -5.79
C LEU A 37 18.75 8.65 -6.64
N THR A 38 17.51 8.14 -6.74
CA THR A 38 16.41 8.83 -7.42
C THR A 38 15.85 9.82 -6.41
N VAL A 39 16.09 11.11 -6.64
CA VAL A 39 15.70 12.18 -5.71
C VAL A 39 14.45 12.92 -6.24
N ARG A 40 13.40 13.02 -5.41
CA ARG A 40 12.19 13.75 -5.75
C ARG A 40 12.11 15.05 -4.93
N SER A 41 12.11 16.19 -5.63
CA SER A 41 12.02 17.52 -5.01
C SER A 41 10.59 17.79 -4.50
N LEU A 42 10.48 18.23 -3.24
CA LEU A 42 9.21 18.56 -2.58
C LEU A 42 9.03 20.08 -2.44
N GLN A 43 10.13 20.84 -2.60
CA GLN A 43 10.18 22.31 -2.52
C GLN A 43 10.54 22.88 -3.89
N ASP A 44 9.90 24.00 -4.26
CA ASP A 44 10.14 24.65 -5.55
C ASP A 44 11.52 25.33 -5.58
N SER A 45 12.22 25.24 -6.74
CA SER A 45 13.55 25.80 -7.05
C SER A 45 14.62 25.45 -6.00
N LEU A 46 14.71 24.15 -5.64
CA LEU A 46 15.71 23.65 -4.68
C LEU A 46 17.10 23.64 -5.32
N ALA A 47 18.08 24.28 -4.66
CA ALA A 47 19.44 24.39 -5.17
C ALA A 47 20.42 23.39 -4.56
N SER A 48 20.21 23.01 -3.28
CA SER A 48 21.09 22.10 -2.55
C SER A 48 20.44 20.76 -2.19
N LEU A 49 21.29 19.75 -1.89
CA LEU A 49 20.89 18.40 -1.50
C LEU A 49 21.71 17.94 -0.27
N ILE A 50 21.06 17.86 0.90
CA ILE A 50 21.67 17.46 2.18
C ILE A 50 21.41 15.99 2.52
N LEU A 51 22.48 15.18 2.63
CA LEU A 51 22.40 13.77 3.00
C LEU A 51 23.23 13.47 4.23
N ASP A 52 22.88 12.40 4.96
CA ASP A 52 23.58 11.94 6.17
C ASP A 52 24.76 11.03 5.84
N THR A 53 25.92 11.30 6.49
CA THR A 53 27.16 10.51 6.41
C THR A 53 27.80 10.44 7.79
N LYS A 54 28.52 9.35 8.08
CA LYS A 54 29.24 9.16 9.34
C LYS A 54 30.47 8.30 9.06
N ASP A 55 31.67 8.92 9.16
CA ASP A 55 32.98 8.29 8.91
C ASP A 55 33.05 7.67 7.50
N LEU A 56 32.43 8.37 6.53
CA LEU A 56 32.34 8.03 5.12
C LEU A 56 33.25 8.93 4.31
N THR A 57 33.86 8.37 3.26
CA THR A 57 34.70 9.13 2.35
C THR A 57 33.95 9.22 1.02
N ILE A 58 33.61 10.45 0.61
CA ILE A 58 32.91 10.67 -0.66
C ILE A 58 33.96 11.02 -1.71
N LYS A 59 34.08 10.17 -2.75
CA LYS A 59 35.05 10.33 -3.83
C LYS A 59 34.53 11.34 -4.87
N LYS A 60 33.35 11.07 -5.47
CA LYS A 60 32.74 11.98 -6.43
C LYS A 60 31.23 11.86 -6.42
N VAL A 61 30.55 12.95 -6.82
CA VAL A 61 29.10 13.07 -6.94
C VAL A 61 28.80 13.52 -8.36
N ALA A 62 27.86 12.84 -9.04
CA ALA A 62 27.44 13.14 -10.40
C ALA A 62 25.92 13.17 -10.53
N VAL A 63 25.37 14.31 -11.00
CA VAL A 63 23.93 14.50 -11.21
C VAL A 63 23.71 14.68 -12.71
N ASN A 64 23.10 13.67 -13.36
CA ASN A 64 22.78 13.58 -14.79
C ASN A 64 24.07 13.62 -15.69
N GLY A 65 25.18 13.11 -15.15
CA GLY A 65 26.46 12.96 -15.83
C GLY A 65 27.26 14.21 -16.16
N LYS A 66 27.98 14.76 -15.18
CA LYS A 66 28.85 15.93 -15.36
C LYS A 66 29.91 16.01 -14.24
N ASP A 67 29.44 15.94 -12.98
CA ASP A 67 30.13 16.05 -11.68
C ASP A 67 29.59 17.27 -10.96
N ALA A 68 28.94 17.04 -9.81
CA ALA A 68 28.32 18.07 -8.99
C ALA A 68 29.23 18.49 -7.84
N THR A 69 29.14 19.77 -7.46
CA THR A 69 29.97 20.33 -6.39
C THR A 69 29.40 19.86 -5.04
N PHE A 70 30.19 19.05 -4.30
CA PHE A 70 29.79 18.56 -2.99
C PHE A 70 30.64 19.17 -1.87
N ALA A 71 30.05 19.24 -0.66
CA ALA A 71 30.70 19.83 0.51
C ALA A 71 30.22 19.21 1.82
N LEU A 72 31.18 18.70 2.62
CA LEU A 72 30.95 18.12 3.94
C LEU A 72 31.00 19.23 5.00
N GLY A 73 30.07 19.20 5.95
CA GLY A 73 29.97 20.21 6.99
C GLY A 73 30.76 19.88 8.23
N THR A 74 30.37 20.44 9.39
CA THR A 74 31.06 20.20 10.64
C THR A 74 30.58 18.87 11.21
N THR A 75 31.52 18.03 11.66
CA THR A 75 31.23 16.72 12.20
C THR A 75 30.59 16.84 13.58
N HIS A 76 29.34 16.39 13.69
CA HIS A 76 28.57 16.36 14.92
C HIS A 76 29.07 15.23 15.83
N SER A 77 28.80 15.36 17.13
CA SER A 77 29.20 14.43 18.22
C SER A 77 28.69 12.99 17.99
N PHE A 78 27.50 12.81 17.37
CA PHE A 78 26.94 11.47 17.12
C PHE A 78 26.18 11.35 15.77
N LYS A 79 25.64 12.47 15.25
CA LYS A 79 24.85 12.53 14.02
C LYS A 79 25.70 12.32 12.75
N GLY A 80 27.00 12.46 12.88
CA GLY A 80 27.94 12.31 11.77
C GLY A 80 28.21 13.64 11.09
N THR A 81 28.50 13.59 9.80
CA THR A 81 28.81 14.80 9.03
C THR A 81 27.77 15.04 7.96
N PRO A 82 27.29 16.28 7.76
CA PRO A 82 26.36 16.51 6.66
C PRO A 82 27.09 16.65 5.32
N LEU A 83 26.52 16.11 4.24
CA LEU A 83 27.06 16.24 2.89
C LEU A 83 26.04 17.04 2.02
N GLU A 84 26.51 18.20 1.50
CA GLU A 84 25.71 19.10 0.66
C GLU A 84 26.12 18.95 -0.80
N ILE A 85 25.15 18.74 -1.70
CA ILE A 85 25.38 18.62 -3.14
C ILE A 85 24.67 19.76 -3.87
N THR A 86 25.45 20.50 -4.70
CA THR A 86 24.99 21.56 -5.57
C THR A 86 24.51 20.92 -6.86
N LEU A 87 23.21 21.09 -7.16
CA LEU A 87 22.58 20.54 -8.36
C LEU A 87 22.87 21.43 -9.57
N PRO A 88 23.12 20.87 -10.78
CA PRO A 88 23.36 21.72 -11.97
C PRO A 88 22.16 22.61 -12.30
N PHE A 89 20.92 22.13 -12.02
CA PHE A 89 19.67 22.86 -12.22
C PHE A 89 18.78 22.73 -10.97
N SER A 90 18.01 23.80 -10.68
CA SER A 90 17.15 23.96 -9.49
C SER A 90 15.86 23.08 -9.46
N LEU A 91 15.55 22.31 -10.53
CA LEU A 91 14.39 21.40 -10.66
C LEU A 91 13.03 22.13 -10.60
N THR A 92 11.92 21.36 -10.77
CA THR A 92 10.55 21.86 -10.69
C THR A 92 9.70 20.81 -9.94
N ARG A 93 9.63 20.92 -8.59
CA ARG A 93 8.91 20.03 -7.64
C ARG A 93 7.52 19.61 -8.18
N GLY A 94 7.12 18.34 -8.12
CA GLY A 94 7.84 17.19 -7.61
C GLY A 94 8.56 16.43 -8.70
N GLN A 95 9.62 17.05 -9.23
CA GLN A 95 10.49 16.52 -10.29
C GLN A 95 11.51 15.55 -9.70
N GLU A 96 11.82 14.51 -10.48
CA GLU A 96 12.76 13.47 -10.09
C GLU A 96 14.05 13.58 -10.91
N VAL A 97 15.20 13.32 -10.26
CA VAL A 97 16.53 13.37 -10.86
C VAL A 97 17.36 12.20 -10.31
N ILE A 98 18.43 11.79 -11.03
CA ILE A 98 19.30 10.70 -10.58
C ILE A 98 20.65 11.28 -10.11
N VAL A 99 21.00 11.00 -8.86
CA VAL A 99 22.24 11.45 -8.22
C VAL A 99 23.13 10.22 -7.97
N GLU A 100 24.24 10.14 -8.70
CA GLU A 100 25.23 9.05 -8.58
C GLU A 100 26.33 9.48 -7.59
N ILE A 101 26.59 8.67 -6.55
CA ILE A 101 27.63 9.01 -5.55
C ILE A 101 28.59 7.83 -5.36
N ASP A 102 29.91 8.11 -5.45
CA ASP A 102 30.94 7.12 -5.22
C ASP A 102 31.55 7.37 -3.84
N SER A 103 31.34 6.44 -2.92
CA SER A 103 31.82 6.52 -1.54
C SER A 103 32.60 5.27 -1.13
N VAL A 104 33.19 5.30 0.08
CA VAL A 104 33.90 4.19 0.72
C VAL A 104 33.77 4.38 2.24
N THR A 105 33.48 3.27 2.94
CA THR A 105 33.34 3.23 4.41
C THR A 105 34.70 3.29 5.08
N SER A 106 34.69 3.51 6.39
CA SER A 106 35.87 3.45 7.23
C SER A 106 35.90 2.06 7.86
N PRO A 107 37.06 1.43 8.16
CA PRO A 107 37.03 0.10 8.81
C PRO A 107 36.38 0.12 10.20
N LYS A 108 36.22 1.32 10.77
CA LYS A 108 35.63 1.58 12.09
C LYS A 108 34.10 1.80 12.01
N SER A 109 33.52 1.79 10.77
CA SER A 109 32.09 1.99 10.49
C SER A 109 31.20 1.42 11.63
N SER A 110 30.41 2.29 12.30
CA SER A 110 29.53 1.91 13.39
C SER A 110 28.47 0.85 12.98
N ALA A 111 28.07 0.82 11.69
CA ALA A 111 27.09 -0.14 11.20
C ALA A 111 27.65 -1.55 11.02
N LEU A 112 28.95 -1.70 10.79
CA LEU A 112 29.48 -3.02 10.46
C LEU A 112 30.41 -3.61 11.52
N GLN A 113 30.57 -4.95 11.48
CA GLN A 113 31.46 -5.69 12.35
C GLN A 113 32.26 -6.67 11.47
N TRP A 114 33.62 -6.48 11.41
CA TRP A 114 34.53 -7.35 10.66
C TRP A 114 35.16 -8.38 11.60
N LEU A 115 34.98 -9.68 11.29
CA LEU A 115 35.54 -10.76 12.10
C LEU A 115 36.50 -11.58 11.29
N ASN A 116 37.70 -11.83 11.87
CA ASN A 116 38.71 -12.69 11.26
C ASN A 116 38.24 -14.12 11.44
N LYS A 117 38.77 -15.07 10.67
CA LYS A 117 38.43 -16.49 10.76
C LYS A 117 38.65 -17.00 12.19
N GLU A 118 39.70 -16.47 12.88
CA GLU A 118 40.04 -16.79 14.27
C GLU A 118 38.87 -16.47 15.22
N GLN A 119 38.11 -15.39 14.92
CA GLN A 119 36.95 -14.96 15.69
C GLN A 119 35.74 -15.87 15.41
N THR A 120 35.52 -16.27 14.13
CA THR A 120 34.36 -17.08 13.67
C THR A 120 34.40 -18.54 14.16
N ALA A 121 33.31 -19.30 13.90
CA ALA A 121 33.15 -20.70 14.29
C ALA A 121 33.86 -21.68 13.34
N GLY A 122 33.74 -21.46 12.02
CA GLY A 122 34.35 -22.30 10.99
C GLY A 122 35.86 -22.26 10.93
N LYS A 123 36.45 -21.14 11.43
CA LYS A 123 37.89 -20.86 11.57
C LYS A 123 38.67 -20.79 10.23
N ILE A 124 38.02 -21.08 9.08
CA ILE A 124 38.68 -21.03 7.76
C ILE A 124 38.40 -19.67 7.07
N HIS A 125 37.19 -19.12 7.26
CA HIS A 125 36.80 -17.90 6.57
C HIS A 125 36.41 -16.76 7.47
N PRO A 126 36.66 -15.49 7.02
CA PRO A 126 36.18 -14.32 7.78
C PRO A 126 34.65 -14.13 7.68
N TYR A 127 34.11 -13.15 8.41
CA TYR A 127 32.68 -12.86 8.44
C TYR A 127 32.42 -11.36 8.58
N LEU A 128 31.33 -10.89 7.96
CA LEU A 128 30.85 -9.51 8.01
C LEU A 128 29.34 -9.49 8.17
N PHE A 129 28.84 -8.60 9.04
CA PHE A 129 27.43 -8.38 9.23
C PHE A 129 27.19 -6.94 9.61
N SER A 130 26.02 -6.41 9.22
CA SER A 130 25.61 -5.04 9.46
C SER A 130 24.50 -4.95 10.51
N GLN A 131 24.39 -3.77 11.12
CA GLN A 131 23.37 -3.34 12.08
C GLN A 131 23.12 -1.86 11.84
N CYS A 132 22.13 -1.54 10.99
CA CYS A 132 21.89 -0.15 10.63
C CYS A 132 20.95 0.57 11.59
N GLN A 133 20.02 -0.14 12.27
CA GLN A 133 19.10 0.52 13.23
C GLN A 133 19.90 1.00 14.47
N ALA A 134 19.73 2.28 14.91
CA ALA A 134 18.73 3.21 14.37
C ALA A 134 19.26 4.14 13.26
N THR A 135 20.42 4.78 13.48
CA THR A 135 21.02 5.76 12.58
C THR A 135 22.43 5.36 12.10
N HIS A 136 22.65 4.09 11.76
CA HIS A 136 23.98 3.67 11.30
C HIS A 136 24.07 3.42 9.80
N CYS A 137 22.98 3.55 9.03
CA CYS A 137 23.03 3.35 7.58
C CYS A 137 23.95 4.39 6.92
N ARG A 138 24.06 5.58 7.55
CA ARG A 138 24.90 6.69 7.14
C ARG A 138 26.40 6.32 7.20
N SER A 139 26.77 5.29 8.01
CA SER A 139 28.12 4.70 8.11
C SER A 139 28.43 3.73 6.96
N ILE A 140 27.44 3.44 6.08
CA ILE A 140 27.67 2.57 4.92
C ILE A 140 27.56 3.40 3.62
N ILE A 141 26.41 4.05 3.40
CA ILE A 141 26.12 4.82 2.18
C ILE A 141 25.58 6.23 2.51
N PRO A 142 25.82 7.26 1.65
CA PRO A 142 25.20 8.58 1.89
C PRO A 142 23.69 8.49 1.59
N CYS A 143 22.86 8.90 2.54
CA CYS A 143 21.40 8.77 2.41
C CYS A 143 20.65 9.76 3.30
N GLN A 144 19.31 9.76 3.18
CA GLN A 144 18.42 10.48 4.06
C GLN A 144 18.15 9.47 5.17
N ASP A 145 19.08 9.36 6.12
CA ASP A 145 19.00 8.35 7.17
C ASP A 145 17.96 8.72 8.24
N THR A 146 16.71 8.76 7.82
CA THR A 146 15.53 9.05 8.63
C THR A 146 14.41 8.07 8.21
N PRO A 147 13.74 7.39 9.17
CA PRO A 147 12.68 6.42 8.80
C PRO A 147 11.47 7.05 8.07
N SER A 148 11.46 8.37 7.95
CA SER A 148 10.44 9.19 7.27
C SER A 148 10.52 9.00 5.76
N VAL A 149 11.71 8.63 5.24
CA VAL A 149 11.96 8.43 3.81
C VAL A 149 12.03 6.92 3.56
N LYS A 150 11.08 6.41 2.75
CA LYS A 150 11.02 4.99 2.42
C LYS A 150 11.25 4.83 0.95
N PHE A 151 12.20 3.97 0.62
CA PHE A 151 12.63 3.78 -0.76
C PHE A 151 12.76 2.31 -1.12
N THR A 152 12.60 2.02 -2.40
CA THR A 152 12.80 0.71 -3.00
C THR A 152 14.30 0.61 -3.34
N TYR A 153 14.83 -0.61 -3.43
CA TYR A 153 16.23 -0.73 -3.83
C TYR A 153 16.55 -2.01 -4.60
N TYR A 154 17.65 -1.94 -5.34
CA TYR A 154 18.28 -3.01 -6.09
C TYR A 154 19.75 -2.95 -5.78
N SER A 155 20.37 -4.08 -5.46
CA SER A 155 21.81 -4.07 -5.17
C SER A 155 22.55 -5.20 -5.87
N GLN A 156 23.82 -4.93 -6.18
CA GLN A 156 24.80 -5.86 -6.70
C GLN A 156 25.94 -5.85 -5.70
N VAL A 157 26.29 -7.02 -5.12
CA VAL A 157 27.35 -7.10 -4.09
C VAL A 157 28.50 -7.99 -4.54
N SER A 158 29.69 -7.38 -4.71
CA SER A 158 30.92 -8.04 -5.11
C SER A 158 31.63 -8.58 -3.87
N VAL A 159 31.87 -9.89 -3.82
CA VAL A 159 32.51 -10.55 -2.67
C VAL A 159 33.52 -11.63 -3.12
N PRO A 160 34.46 -12.11 -2.23
CA PRO A 160 35.32 -13.23 -2.62
C PRO A 160 34.41 -14.42 -2.97
N LYS A 161 34.67 -15.06 -4.12
CA LYS A 161 33.90 -16.16 -4.72
C LYS A 161 33.54 -17.32 -3.77
N GLU A 162 34.37 -17.61 -2.75
CA GLU A 162 34.12 -18.73 -1.81
C GLU A 162 33.12 -18.35 -0.71
N LEU A 163 32.65 -17.11 -0.71
CA LEU A 163 31.75 -16.65 0.34
C LEU A 163 30.36 -16.35 -0.21
N MET A 164 29.38 -16.52 0.69
CA MET A 164 27.96 -16.24 0.47
C MET A 164 27.68 -14.81 0.96
N ALA A 165 26.80 -14.07 0.25
CA ALA A 165 26.34 -12.72 0.61
C ALA A 165 24.81 -12.70 0.66
N LEU A 166 24.22 -12.02 1.69
CA LEU A 166 22.76 -11.91 1.81
C LEU A 166 22.35 -10.50 2.16
N MET A 167 21.20 -10.04 1.64
CA MET A 167 20.69 -8.69 1.95
C MET A 167 19.20 -8.73 2.37
N SER A 168 18.69 -7.62 2.92
CA SER A 168 17.29 -7.51 3.37
C SER A 168 16.37 -7.32 2.13
N ALA A 169 16.46 -8.29 1.22
CA ALA A 169 15.77 -8.33 -0.05
C ALA A 169 15.69 -9.76 -0.59
N LEU A 170 14.94 -9.94 -1.70
CA LEU A 170 14.84 -11.23 -2.34
C LEU A 170 16.09 -11.45 -3.17
N ARG A 171 16.63 -12.68 -3.18
CA ARG A 171 17.79 -13.03 -3.99
C ARG A 171 17.42 -12.88 -5.46
N ASP A 172 18.28 -12.26 -6.29
CA ASP A 172 17.96 -12.04 -7.70
C ASP A 172 19.07 -12.59 -8.61
N GLY A 173 19.79 -13.61 -8.14
CA GLY A 173 20.83 -14.26 -8.91
C GLY A 173 22.27 -13.83 -8.66
N GLU A 174 23.18 -14.69 -9.08
CA GLU A 174 24.62 -14.54 -9.00
C GLU A 174 25.15 -14.13 -10.37
N LEU A 175 26.20 -13.30 -10.38
CA LEU A 175 26.84 -12.76 -11.57
C LEU A 175 28.36 -12.96 -11.49
N SER A 176 29.03 -13.07 -12.63
CA SER A 176 30.48 -13.24 -12.70
C SER A 176 31.16 -11.88 -12.78
N GLU A 177 32.15 -11.62 -11.90
CA GLU A 177 32.91 -10.39 -11.95
C GLU A 177 33.97 -10.63 -13.00
N GLN A 178 33.80 -10.00 -14.17
CA GLN A 178 34.69 -10.16 -15.33
C GLN A 178 36.08 -9.56 -15.06
N SER A 179 36.16 -8.56 -14.15
CA SER A 179 37.41 -7.88 -13.76
C SER A 179 38.23 -8.71 -12.76
N ASP A 180 37.56 -9.39 -11.80
CA ASP A 180 38.24 -10.21 -10.79
C ASP A 180 37.63 -11.61 -10.71
N SER A 181 38.40 -12.60 -11.18
CA SER A 181 38.07 -14.04 -11.24
C SER A 181 37.94 -14.63 -9.84
N ASN A 182 38.62 -14.00 -8.85
CA ASN A 182 38.58 -14.35 -7.43
C ASN A 182 37.28 -13.86 -6.79
N ARG A 183 36.39 -13.19 -7.58
CA ARG A 183 35.17 -12.61 -7.04
C ARG A 183 33.85 -13.02 -7.74
N LYS A 184 32.76 -12.98 -6.94
CA LYS A 184 31.39 -13.25 -7.35
C LYS A 184 30.55 -12.01 -7.08
N ILE A 185 29.41 -11.85 -7.78
CA ILE A 185 28.49 -10.72 -7.59
C ILE A 185 27.08 -11.25 -7.29
N TYR A 186 26.61 -11.08 -6.06
CA TYR A 186 25.25 -11.49 -5.69
C TYR A 186 24.31 -10.32 -5.95
N ARG A 187 23.10 -10.59 -6.40
CA ARG A 187 22.14 -9.53 -6.71
C ARG A 187 20.88 -9.73 -5.93
N PHE A 188 20.27 -8.60 -5.52
CA PHE A 188 19.09 -8.55 -4.65
C PHE A 188 18.10 -7.49 -5.09
N LYS A 189 16.80 -7.81 -4.90
CA LYS A 189 15.71 -6.90 -5.24
C LYS A 189 14.80 -6.67 -4.05
N GLN A 190 14.58 -5.39 -3.74
CA GLN A 190 13.66 -4.97 -2.70
C GLN A 190 12.69 -3.96 -3.33
N ASN A 191 11.52 -4.47 -3.76
CA ASN A 191 10.49 -3.73 -4.49
C ASN A 191 9.43 -3.14 -3.57
N VAL A 192 9.57 -3.39 -2.25
CA VAL A 192 8.70 -2.79 -1.26
C VAL A 192 9.46 -1.63 -0.65
N PRO A 193 8.91 -0.39 -0.63
CA PRO A 193 9.68 0.73 -0.03
C PRO A 193 10.01 0.46 1.42
N ILE A 194 11.28 0.65 1.76
CA ILE A 194 11.78 0.46 3.12
C ILE A 194 12.50 1.72 3.61
N PRO A 195 12.63 1.91 4.94
CA PRO A 195 13.46 2.99 5.45
C PRO A 195 14.93 2.52 5.49
N SER A 196 15.89 3.44 5.57
CA SER A 196 17.33 3.14 5.56
C SER A 196 17.76 2.24 6.69
N TYR A 197 17.10 2.31 7.86
CA TYR A 197 17.54 1.49 8.98
C TYR A 197 17.30 -0.01 8.72
N LEU A 198 16.50 -0.34 7.70
CA LEU A 198 16.15 -1.71 7.38
C LEU A 198 17.05 -2.32 6.27
N ILE A 199 18.05 -1.56 5.85
CA ILE A 199 19.05 -2.04 4.91
C ILE A 199 20.01 -2.93 5.73
N ALA A 200 20.28 -4.16 5.22
CA ALA A 200 21.17 -5.12 5.90
C ALA A 200 22.00 -5.91 4.91
N LEU A 201 23.18 -6.32 5.36
CA LEU A 201 24.14 -7.10 4.60
C LEU A 201 24.93 -8.06 5.52
N VAL A 202 25.05 -9.33 5.09
CA VAL A 202 25.85 -10.38 5.72
C VAL A 202 26.70 -11.04 4.62
N VAL A 203 28.02 -11.19 4.87
CA VAL A 203 28.98 -11.85 3.98
C VAL A 203 29.85 -12.81 4.83
N GLY A 204 29.73 -14.10 4.56
CA GLY A 204 30.49 -15.11 5.29
C GLY A 204 30.29 -16.51 4.74
N ALA A 205 30.91 -17.51 5.40
CA ALA A 205 30.75 -18.92 5.01
C ALA A 205 29.42 -19.41 5.59
N LEU A 206 28.34 -19.21 4.82
CA LEU A 206 26.99 -19.52 5.26
C LEU A 206 26.39 -20.73 4.59
N GLU A 207 25.54 -21.46 5.34
CA GLU A 207 24.79 -22.63 4.89
C GLU A 207 23.33 -22.42 5.31
N GLY A 208 22.42 -22.73 4.39
CA GLY A 208 20.99 -22.57 4.58
C GLY A 208 20.16 -23.74 4.12
N ARG A 209 19.13 -24.09 4.92
CA ARG A 209 18.20 -25.17 4.61
C ARG A 209 16.76 -24.72 4.88
N LYS A 210 15.85 -25.13 3.98
CA LYS A 210 14.40 -24.85 4.00
C LYS A 210 13.77 -25.42 5.29
N VAL A 211 12.97 -24.61 5.98
CA VAL A 211 12.26 -24.97 7.23
C VAL A 211 10.76 -24.56 7.07
N GLY A 212 10.39 -24.20 5.84
CA GLY A 212 9.04 -23.77 5.48
C GLY A 212 8.94 -23.33 4.04
N PRO A 213 7.71 -23.20 3.47
CA PRO A 213 7.57 -22.81 2.05
C PRO A 213 8.17 -21.44 1.69
N ARG A 214 8.52 -20.63 2.69
CA ARG A 214 9.10 -19.29 2.46
C ARG A 214 10.14 -18.95 3.54
N THR A 215 10.73 -19.98 4.18
CA THR A 215 11.71 -19.84 5.24
C THR A 215 12.89 -20.78 5.09
N THR A 216 14.07 -20.20 4.94
CA THR A 216 15.36 -20.86 4.93
C THR A 216 16.08 -20.39 6.18
N ILE A 217 16.77 -21.29 6.91
CA ILE A 217 17.51 -20.84 8.08
C ILE A 217 19.00 -20.81 7.68
N TRP A 218 19.64 -19.62 7.84
CA TRP A 218 21.03 -19.39 7.45
C TRP A 218 21.95 -19.19 8.64
N THR A 219 23.14 -19.82 8.62
CA THR A 219 24.21 -19.67 9.64
C THR A 219 25.43 -20.55 9.26
N GLU A 220 26.46 -20.61 10.14
CA GLU A 220 27.65 -21.46 9.95
C GLU A 220 27.30 -22.89 10.39
N LYS A 221 27.63 -23.91 9.55
CA LYS A 221 27.37 -25.36 9.77
C LYS A 221 27.25 -25.80 11.25
N GLU A 222 28.20 -25.35 12.11
CA GLU A 222 28.30 -25.66 13.54
C GLU A 222 27.05 -25.23 14.34
N LEU A 223 26.41 -24.11 13.93
CA LEU A 223 25.22 -23.58 14.58
C LEU A 223 23.91 -23.96 13.86
N LEU A 224 24.00 -24.59 12.67
CA LEU A 224 22.84 -24.95 11.84
C LEU A 224 21.90 -25.96 12.50
N GLU A 225 22.41 -27.14 12.89
CA GLU A 225 21.64 -28.22 13.54
C GLU A 225 20.83 -27.67 14.76
N PRO A 226 21.42 -26.94 15.76
CA PRO A 226 20.58 -26.44 16.87
C PRO A 226 19.65 -25.26 16.51
N SER A 227 19.90 -24.55 15.39
CA SER A 227 19.06 -23.42 15.01
C SER A 227 17.74 -23.87 14.39
N VAL A 228 17.76 -25.00 13.63
CA VAL A 228 16.56 -25.54 12.99
C VAL A 228 15.59 -26.12 14.05
N TYR A 229 16.09 -26.69 15.17
CA TYR A 229 15.24 -27.19 16.25
C TYR A 229 14.60 -26.02 17.00
N GLU A 230 15.40 -25.01 17.38
CA GLU A 230 14.98 -23.83 18.14
C GLU A 230 13.96 -22.98 17.37
N PHE A 231 14.07 -22.91 16.03
CA PHE A 231 13.18 -22.09 15.22
C PHE A 231 12.42 -22.92 14.18
N ALA A 232 11.98 -24.14 14.59
CA ALA A 232 11.21 -25.06 13.74
C ALA A 232 9.80 -24.55 13.46
N GLU A 233 9.19 -23.82 14.41
CA GLU A 233 7.83 -23.31 14.38
C GLU A 233 7.69 -21.87 13.76
N THR A 234 8.66 -21.44 12.92
CA THR A 234 8.67 -20.12 12.26
C THR A 234 7.43 -19.89 11.37
N GLU A 235 7.10 -20.89 10.50
CA GLU A 235 5.94 -20.82 9.60
C GLU A 235 4.63 -20.67 10.37
N LYS A 236 4.46 -21.48 11.45
CA LYS A 236 3.31 -21.46 12.36
C LYS A 236 3.16 -20.05 12.91
N MET A 237 4.28 -19.42 13.33
CA MET A 237 4.27 -18.05 13.87
C MET A 237 3.90 -17.03 12.79
N LEU A 238 4.39 -17.22 11.55
CA LEU A 238 4.13 -16.35 10.40
C LEU A 238 2.67 -16.43 9.97
N LYS A 239 2.11 -17.65 9.98
CA LYS A 239 0.70 -17.90 9.66
C LYS A 239 -0.22 -17.25 10.74
N TYR A 240 0.10 -17.47 12.03
CA TYR A 240 -0.65 -16.92 13.19
C TYR A 240 -0.68 -15.38 13.15
N ALA A 241 0.44 -14.77 12.73
CA ALA A 241 0.59 -13.33 12.55
C ALA A 241 -0.28 -12.83 11.40
N GLU A 242 -0.32 -13.58 10.26
CA GLU A 242 -1.11 -13.23 9.07
C GLU A 242 -2.60 -13.23 9.36
N ASP A 243 -3.05 -14.16 10.24
CA ASP A 243 -4.44 -14.27 10.69
C ASP A 243 -4.86 -13.00 11.44
N LEU A 244 -3.91 -12.43 12.19
CA LEU A 244 -4.08 -11.24 13.02
C LEU A 244 -3.90 -9.93 12.26
N ALA A 245 -2.80 -9.79 11.48
CA ALA A 245 -2.45 -8.52 10.84
C ALA A 245 -2.88 -8.37 9.38
N GLY A 246 -3.02 -9.48 8.66
CA GLY A 246 -3.35 -9.47 7.25
C GLY A 246 -2.25 -10.10 6.43
N PRO A 247 -2.30 -10.01 5.08
CA PRO A 247 -1.28 -10.69 4.25
C PRO A 247 0.16 -10.23 4.42
N TYR A 248 1.10 -11.19 4.27
CA TYR A 248 2.55 -10.97 4.31
C TYR A 248 2.94 -10.52 2.90
N VAL A 249 3.44 -9.29 2.76
CA VAL A 249 3.74 -8.69 1.46
C VAL A 249 5.21 -8.79 1.03
N TRP A 250 6.07 -9.27 1.90
CA TRP A 250 7.52 -9.32 1.71
C TRP A 250 8.03 -10.53 0.92
N GLY A 251 7.13 -11.45 0.57
CA GLY A 251 7.45 -12.64 -0.20
C GLY A 251 8.15 -13.75 0.55
N GLN A 252 9.25 -13.46 1.24
CA GLN A 252 10.11 -14.47 1.88
C GLN A 252 10.39 -14.10 3.32
N TYR A 253 10.44 -15.09 4.23
CA TYR A 253 10.79 -14.84 5.62
C TYR A 253 11.95 -15.75 6.01
N ASP A 254 13.19 -15.27 5.86
CA ASP A 254 14.36 -16.08 6.19
C ASP A 254 14.91 -15.66 7.55
N LEU A 255 15.73 -16.54 8.16
CA LEU A 255 16.38 -16.24 9.45
C LEU A 255 17.88 -16.40 9.31
N LEU A 256 18.64 -15.57 10.02
CA LEU A 256 20.09 -15.66 10.02
C LEU A 256 20.60 -15.58 11.46
N ILE A 257 21.34 -16.61 11.91
CA ILE A 257 21.88 -16.62 13.28
C ILE A 257 23.34 -16.17 13.18
N LEU A 258 23.60 -15.00 13.78
CA LEU A 258 24.87 -14.29 13.75
C LEU A 258 25.87 -14.78 14.79
N PRO A 259 27.14 -14.30 14.76
CA PRO A 259 28.10 -14.65 15.82
C PRO A 259 27.64 -14.07 17.17
N PRO A 260 28.19 -14.49 18.34
CA PRO A 260 27.70 -13.94 19.62
C PRO A 260 27.85 -12.42 19.79
N SER A 261 28.64 -11.77 18.92
CA SER A 261 28.91 -10.33 18.96
C SER A 261 27.73 -9.47 18.43
N PHE A 262 26.65 -10.08 17.88
CA PHE A 262 25.47 -9.32 17.41
C PHE A 262 24.90 -8.50 18.59
N PRO A 263 24.78 -7.15 18.43
CA PRO A 263 24.40 -6.30 19.58
C PRO A 263 22.96 -6.41 20.07
N TYR A 264 22.09 -7.14 19.37
CA TYR A 264 20.69 -7.28 19.76
C TYR A 264 20.29 -8.75 19.77
N GLY A 265 19.05 -9.01 20.18
CA GLY A 265 18.50 -10.36 20.22
C GLY A 265 17.87 -10.74 18.90
N GLY A 266 17.21 -9.75 18.29
CA GLY A 266 16.52 -9.88 17.00
C GLY A 266 16.51 -8.56 16.24
N MET A 267 16.57 -8.66 14.90
CA MET A 267 16.53 -7.52 13.98
C MET A 267 15.67 -7.91 12.76
N GLU A 268 14.53 -7.21 12.59
CA GLU A 268 13.46 -7.40 11.61
C GLU A 268 13.85 -7.01 10.18
N ASN A 269 15.11 -7.20 9.75
CA ASN A 269 15.47 -6.84 8.39
C ASN A 269 14.51 -7.53 7.41
N PRO A 270 13.84 -6.78 6.50
CA PRO A 270 12.85 -7.40 5.58
C PRO A 270 13.43 -8.57 4.81
N CYS A 271 12.69 -9.69 4.69
CA CYS A 271 13.12 -10.92 3.98
C CYS A 271 14.25 -11.70 4.72
N LEU A 272 14.91 -11.13 5.75
CA LEU A 272 15.99 -11.82 6.46
C LEU A 272 16.11 -11.31 7.91
N THR A 273 15.41 -11.96 8.85
CA THR A 273 15.50 -11.60 10.25
C THR A 273 16.89 -12.04 10.80
N PHE A 274 17.60 -11.14 11.50
CA PHE A 274 18.90 -11.45 12.12
C PHE A 274 18.62 -11.85 13.59
N VAL A 275 19.10 -13.03 14.04
CA VAL A 275 18.85 -13.54 15.42
C VAL A 275 20.17 -13.84 16.15
N THR A 276 20.21 -13.56 17.47
CA THR A 276 21.37 -13.80 18.36
C THR A 276 21.51 -15.31 18.66
N PRO A 277 22.73 -15.86 18.87
CA PRO A 277 22.82 -17.26 19.29
C PRO A 277 22.51 -17.43 20.80
N THR A 278 22.35 -16.30 21.54
CA THR A 278 22.06 -16.30 22.99
C THR A 278 20.61 -16.77 23.30
N VAL A 279 19.72 -16.84 22.28
CA VAL A 279 18.35 -17.33 22.48
C VAL A 279 18.30 -18.86 22.33
N LEU A 280 19.41 -19.50 21.85
CA LEU A 280 19.49 -20.95 21.66
C LEU A 280 19.66 -21.64 23.03
N ALA A 281 18.54 -21.78 23.77
CA ALA A 281 18.45 -22.35 25.11
C ALA A 281 18.03 -23.84 25.06
N GLY A 282 17.79 -24.35 23.84
CA GLY A 282 17.41 -25.74 23.58
C GLY A 282 16.02 -26.16 23.99
N ASP A 283 15.14 -25.20 24.33
CA ASP A 283 13.76 -25.48 24.77
C ASP A 283 12.72 -24.53 24.14
N ARG A 284 13.18 -23.59 23.28
CA ARG A 284 12.37 -22.59 22.56
C ARG A 284 11.63 -21.64 23.57
N SER A 285 12.16 -21.48 24.80
CA SER A 285 11.61 -20.61 25.85
C SER A 285 11.86 -19.12 25.57
N LEU A 286 12.89 -18.85 24.72
CA LEU A 286 13.31 -17.49 24.30
C LEU A 286 13.05 -17.28 22.79
N ALA A 287 12.20 -18.15 22.18
CA ALA A 287 11.83 -18.13 20.77
C ALA A 287 10.67 -17.14 20.42
N SER A 288 10.17 -16.36 21.41
CA SER A 288 9.13 -15.33 21.17
C SER A 288 9.74 -14.17 20.36
N VAL A 289 11.09 -14.14 20.31
CA VAL A 289 11.93 -13.20 19.54
C VAL A 289 11.55 -13.31 18.05
N ILE A 290 11.18 -14.52 17.58
CA ILE A 290 10.77 -14.76 16.19
C ILE A 290 9.39 -14.14 15.97
N ALA A 291 8.39 -14.46 16.82
CA ALA A 291 7.04 -13.91 16.73
C ALA A 291 7.07 -12.39 16.78
N HIS A 292 8.06 -11.83 17.52
CA HIS A 292 8.23 -10.38 17.66
C HIS A 292 8.73 -9.81 16.32
N GLU A 293 9.84 -10.38 15.79
CA GLU A 293 10.40 -9.93 14.52
C GLU A 293 9.39 -10.13 13.36
N ILE A 294 8.66 -11.26 13.34
CA ILE A 294 7.61 -11.56 12.35
C ILE A 294 6.57 -10.43 12.31
N SER A 295 6.08 -10.00 13.49
CA SER A 295 5.08 -8.96 13.68
C SER A 295 5.54 -7.58 13.14
N HIS A 296 6.86 -7.29 13.19
CA HIS A 296 7.44 -6.09 12.59
C HIS A 296 7.17 -6.00 11.08
N SER A 297 6.96 -7.15 10.41
CA SER A 297 6.62 -7.15 8.98
C SER A 297 5.44 -6.23 8.68
N TRP A 298 4.59 -5.94 9.71
CA TRP A 298 3.43 -5.05 9.63
C TRP A 298 3.74 -3.75 10.35
N THR A 299 3.85 -3.82 11.69
CA THR A 299 4.09 -2.67 12.57
C THR A 299 5.59 -2.39 12.69
N GLY A 300 6.05 -1.50 11.83
CA GLY A 300 7.45 -1.11 11.72
C GLY A 300 7.95 -1.09 10.29
N ASN A 301 7.92 -2.25 9.60
CA ASN A 301 8.42 -2.43 8.23
C ASN A 301 7.41 -1.98 7.18
N LEU A 302 6.13 -2.31 7.36
CA LEU A 302 5.05 -1.89 6.46
C LEU A 302 4.56 -0.49 6.87
N VAL A 303 4.29 -0.31 8.17
CA VAL A 303 3.89 0.99 8.73
C VAL A 303 5.04 1.43 9.65
N THR A 304 5.83 2.42 9.20
CA THR A 304 7.05 2.88 9.87
C THR A 304 6.85 4.13 10.72
N ASN A 305 7.61 4.25 11.82
CA ASN A 305 7.61 5.45 12.68
C ASN A 305 8.25 6.60 11.90
N GLU A 306 7.64 7.78 11.89
CA GLU A 306 8.13 8.94 11.16
C GLU A 306 9.56 9.33 11.57
N THR A 307 9.82 9.34 12.88
CA THR A 307 11.11 9.65 13.51
C THR A 307 11.31 8.67 14.68
N TRP A 308 12.47 8.72 15.36
CA TRP A 308 12.75 7.89 16.53
C TRP A 308 12.05 8.45 17.79
N GLU A 309 11.44 9.63 17.68
CA GLU A 309 10.63 10.21 18.74
C GLU A 309 9.30 9.41 18.81
N ASN A 310 8.86 8.92 17.64
CA ASN A 310 7.64 8.13 17.41
C ASN A 310 7.90 6.60 17.38
N PHE A 311 9.07 6.16 17.93
CA PHE A 311 9.54 4.77 17.99
C PHE A 311 8.55 3.81 18.68
N TRP A 312 7.68 4.32 19.58
CA TRP A 312 6.69 3.48 20.27
C TRP A 312 5.64 2.90 19.30
N LEU A 313 5.34 3.61 18.19
CA LEU A 313 4.38 3.13 17.19
C LEU A 313 4.88 1.83 16.58
N ASN A 314 6.20 1.75 16.39
CA ASN A 314 6.94 0.61 15.91
C ASN A 314 6.92 -0.51 16.94
N GLU A 315 7.56 -0.27 18.10
CA GLU A 315 7.76 -1.30 19.11
C GLU A 315 6.55 -1.61 19.97
N GLY A 316 5.73 -0.62 20.35
CA GLY A 316 4.53 -0.85 21.14
C GLY A 316 3.48 -1.70 20.47
N HIS A 317 3.19 -1.44 19.17
CA HIS A 317 2.24 -2.21 18.38
C HIS A 317 2.77 -3.63 18.09
N THR A 318 4.08 -3.77 17.84
CA THR A 318 4.75 -5.05 17.57
C THR A 318 4.69 -5.92 18.83
N VAL A 319 4.98 -5.33 20.02
CA VAL A 319 4.91 -6.03 21.31
C VAL A 319 3.44 -6.47 21.55
N TYR A 320 2.46 -5.64 21.16
CA TYR A 320 1.05 -5.98 21.29
C TYR A 320 0.71 -7.19 20.41
N LEU A 321 1.07 -7.16 19.11
CA LEU A 321 0.88 -8.25 18.14
C LEU A 321 1.56 -9.55 18.58
N GLU A 322 2.82 -9.45 19.05
CA GLU A 322 3.63 -10.57 19.58
C GLU A 322 2.88 -11.27 20.71
N ARG A 323 2.36 -10.49 21.67
CA ARG A 323 1.65 -11.03 22.83
C ARG A 323 0.26 -11.59 22.43
N ARG A 324 -0.30 -11.16 21.29
CA ARG A 324 -1.55 -11.76 20.79
C ARG A 324 -1.26 -13.13 20.17
N ILE A 325 -0.06 -13.30 19.54
CA ILE A 325 0.41 -14.58 18.96
C ILE A 325 0.67 -15.55 20.12
N ASP A 326 1.19 -15.03 21.25
CA ASP A 326 1.40 -15.79 22.48
C ASP A 326 0.08 -16.26 23.08
N GLY A 327 -0.99 -15.47 22.85
CA GLY A 327 -2.34 -15.73 23.30
C GLY A 327 -2.92 -16.95 22.63
N ARG A 328 -2.93 -16.96 21.28
CA ARG A 328 -3.42 -18.09 20.48
C ARG A 328 -2.51 -19.33 20.69
N LEU A 329 -1.28 -19.12 21.19
CA LEU A 329 -0.35 -20.19 21.48
C LEU A 329 -0.60 -20.80 22.88
N TYR A 330 0.11 -20.29 23.90
CA TYR A 330 0.14 -20.74 25.29
C TYR A 330 -1.12 -20.44 26.13
N GLY A 331 -2.01 -19.56 25.65
CA GLY A 331 -3.24 -19.22 26.36
C GLY A 331 -3.30 -17.79 26.89
N GLU A 332 -4.54 -17.30 27.09
CA GLU A 332 -4.87 -15.95 27.57
C GLU A 332 -4.22 -15.66 28.94
N GLU A 333 -4.04 -16.68 29.81
CA GLU A 333 -3.40 -16.50 31.12
C GLU A 333 -1.92 -16.14 30.98
N PHE A 334 -1.23 -16.71 29.97
CA PHE A 334 0.19 -16.44 29.67
C PHE A 334 0.33 -15.04 29.06
N ARG A 335 -0.63 -14.66 28.20
CA ARG A 335 -0.69 -13.34 27.56
C ARG A 335 -0.76 -12.24 28.63
N GLN A 336 -1.65 -12.44 29.62
CA GLN A 336 -1.87 -11.54 30.76
C GLN A 336 -0.61 -11.43 31.62
N PHE A 337 0.15 -12.55 31.75
CA PHE A 337 1.38 -12.62 32.54
C PHE A 337 2.51 -11.85 31.84
N LYS A 338 2.62 -11.98 30.50
CA LYS A 338 3.64 -11.26 29.74
C LYS A 338 3.33 -9.76 29.77
N ALA A 339 2.02 -9.40 29.82
CA ALA A 339 1.51 -8.02 29.96
C ALA A 339 1.92 -7.41 31.29
N LEU A 340 1.84 -8.20 32.38
CA LEU A 340 2.18 -7.79 33.75
C LEU A 340 3.71 -7.72 33.92
N GLY A 341 4.44 -8.63 33.27
CA GLY A 341 5.89 -8.65 33.26
C GLY A 341 6.44 -7.45 32.53
N GLY A 342 5.67 -6.95 31.56
CA GLY A 342 6.00 -5.76 30.78
C GLY A 342 6.00 -4.52 31.65
N TRP A 343 4.96 -4.39 32.50
CA TRP A 343 4.83 -3.30 33.46
C TRP A 343 6.06 -3.24 34.38
N LYS A 344 6.53 -4.41 34.84
CA LYS A 344 7.70 -4.51 35.71
C LYS A 344 9.00 -4.13 34.98
N GLU A 345 9.10 -4.44 33.67
CA GLU A 345 10.27 -4.09 32.87
C GLU A 345 10.27 -2.57 32.62
N LEU A 346 9.08 -1.98 32.44
CA LEU A 346 8.88 -0.54 32.29
C LEU A 346 9.28 0.14 33.60
N GLN A 347 8.87 -0.45 34.74
CA GLN A 347 9.22 0.00 36.10
C GLN A 347 10.74 -0.13 36.27
N ASN A 348 11.34 -1.21 35.72
CA ASN A 348 12.78 -1.48 35.74
C ASN A 348 13.55 -0.46 34.88
N SER A 349 12.94 0.03 33.79
CA SER A 349 13.59 0.98 32.89
C SER A 349 13.45 2.40 33.39
N VAL A 350 12.27 2.77 33.96
CA VAL A 350 12.06 4.12 34.46
C VAL A 350 13.01 4.41 35.62
N ASN A 351 13.35 3.41 36.47
CA ASN A 351 14.29 3.64 37.59
C ASN A 351 15.73 3.80 37.10
N THR A 352 16.11 3.04 36.03
CA THR A 352 17.45 3.08 35.46
C THR A 352 17.72 4.47 34.86
N PHE A 353 16.74 5.01 34.10
CA PHE A 353 16.85 6.31 33.44
C PHE A 353 16.46 7.46 34.39
N GLY A 354 15.55 7.20 35.30
CA GLY A 354 15.02 8.18 36.25
C GLY A 354 13.55 8.43 35.98
N ALA A 355 12.71 8.38 37.05
CA ALA A 355 11.26 8.59 37.02
C ALA A 355 10.88 9.97 36.47
N THR A 356 11.86 10.89 36.44
CA THR A 356 11.72 12.27 35.99
C THR A 356 12.43 12.54 34.63
N ASN A 357 13.22 11.58 34.12
CA ASN A 357 13.96 11.73 32.86
C ASN A 357 13.03 11.93 31.66
N PRO A 358 13.17 13.06 30.90
CA PRO A 358 12.30 13.28 29.72
C PRO A 358 12.45 12.20 28.67
N LEU A 359 13.53 11.40 28.75
CA LEU A 359 13.76 10.26 27.87
C LEU A 359 12.73 9.15 28.11
N THR A 360 12.06 9.17 29.31
CA THR A 360 11.03 8.18 29.69
C THR A 360 9.61 8.58 29.20
N ASN A 361 9.48 9.72 28.47
CA ASN A 361 8.20 10.10 27.86
C ASN A 361 7.95 9.13 26.73
N LEU A 362 6.67 8.78 26.47
CA LEU A 362 6.32 7.87 25.39
C LEU A 362 6.79 8.46 24.07
N VAL A 363 6.62 9.77 23.87
CA VAL A 363 7.08 10.49 22.69
C VAL A 363 8.18 11.44 23.22
N PRO A 364 9.46 10.98 23.31
CA PRO A 364 10.50 11.84 23.89
C PRO A 364 11.08 12.86 22.92
N ASN A 365 11.70 13.91 23.49
CA ASN A 365 12.40 14.93 22.73
C ASN A 365 13.82 14.41 22.52
N LEU A 366 14.19 14.16 21.26
CA LEU A 366 15.51 13.62 20.98
C LEU A 366 16.43 14.66 20.34
N HIS A 367 16.12 15.98 20.50
CA HIS A 367 16.99 17.05 20.02
C HIS A 367 18.31 16.97 20.79
N GLU A 368 19.42 16.81 20.06
CA GLU A 368 20.80 16.66 20.55
C GLU A 368 20.92 15.42 21.49
N VAL A 369 20.26 14.29 21.09
CA VAL A 369 20.28 13.04 21.87
C VAL A 369 20.76 11.86 21.00
N ASP A 370 21.79 11.13 21.48
CA ASP A 370 22.35 9.92 20.86
C ASP A 370 21.33 8.79 21.05
N VAL A 371 20.68 8.37 19.95
CA VAL A 371 19.60 7.36 19.95
C VAL A 371 20.03 6.00 20.53
N ASP A 372 21.29 5.57 20.28
CA ASP A 372 21.80 4.28 20.77
C ASP A 372 21.94 4.31 22.30
N ALA A 373 22.30 5.49 22.85
CA ALA A 373 22.45 5.73 24.28
C ALA A 373 21.11 6.04 24.94
N ALA A 374 20.05 6.26 24.12
CA ALA A 374 18.70 6.59 24.57
C ALA A 374 17.74 5.37 24.53
N PHE A 375 18.22 4.20 24.08
CA PHE A 375 17.44 2.96 23.96
C PHE A 375 16.97 2.44 25.35
N SER A 376 15.67 2.07 25.45
CA SER A 376 15.02 1.59 26.68
C SER A 376 13.78 0.75 26.38
N SER A 377 13.16 0.18 27.44
CA SER A 377 11.94 -0.62 27.35
C SER A 377 10.68 0.25 27.37
N VAL A 378 10.85 1.59 27.52
CA VAL A 378 9.76 2.56 27.55
C VAL A 378 8.92 2.49 26.24
N PRO A 379 9.48 2.63 25.00
CA PRO A 379 8.61 2.56 23.81
C PRO A 379 7.89 1.21 23.66
N TYR A 380 8.54 0.14 24.14
CA TYR A 380 8.07 -1.23 24.15
C TYR A 380 6.87 -1.40 25.10
N GLU A 381 7.11 -1.25 26.41
CA GLU A 381 6.15 -1.54 27.47
C GLU A 381 5.18 -0.42 27.83
N LYS A 382 5.58 0.87 27.69
CA LYS A 382 4.64 1.98 27.94
C LYS A 382 3.71 2.08 26.71
N GLY A 383 4.27 1.78 25.54
CA GLY A 383 3.56 1.73 24.27
C GLY A 383 2.55 0.61 24.28
N PHE A 384 2.98 -0.58 24.75
CA PHE A 384 2.10 -1.74 24.86
C PHE A 384 0.98 -1.48 25.87
N ALA A 385 1.33 -0.96 27.07
CA ALA A 385 0.41 -0.67 28.18
C ALA A 385 -0.74 0.23 27.72
N LEU A 386 -0.44 1.23 26.89
CA LEU A 386 -1.43 2.15 26.35
C LEU A 386 -2.41 1.39 25.46
N LEU A 387 -1.90 0.50 24.58
CA LEU A 387 -2.71 -0.27 23.66
C LEU A 387 -3.53 -1.34 24.39
N PHE A 388 -2.98 -1.90 25.47
CA PHE A 388 -3.67 -2.91 26.27
C PHE A 388 -4.72 -2.22 27.17
N TYR A 389 -4.45 -1.00 27.64
CA TYR A 389 -5.42 -0.23 28.42
C TYR A 389 -6.59 0.22 27.49
N LEU A 390 -6.28 0.61 26.23
CA LEU A 390 -7.29 1.01 25.25
C LEU A 390 -8.21 -0.18 24.90
N GLU A 391 -7.60 -1.38 24.74
CA GLU A 391 -8.29 -2.65 24.46
C GLU A 391 -9.39 -2.94 25.51
N GLN A 392 -9.05 -2.80 26.80
CA GLN A 392 -9.96 -3.06 27.93
C GLN A 392 -11.09 -2.01 27.96
N LEU A 393 -10.74 -0.76 27.62
CA LEU A 393 -11.65 0.39 27.58
C LEU A 393 -12.62 0.35 26.40
N LEU A 394 -12.21 -0.23 25.24
CA LEU A 394 -13.02 -0.16 24.02
C LEU A 394 -13.83 -1.44 23.68
N GLY A 395 -13.79 -2.45 24.53
CA GLY A 395 -14.60 -3.66 24.27
C GLY A 395 -13.93 -5.00 24.12
N GLY A 396 -12.63 -5.09 24.38
CA GLY A 396 -11.91 -6.36 24.30
C GLY A 396 -10.90 -6.51 23.16
N PRO A 397 -10.21 -7.68 23.09
CA PRO A 397 -9.18 -7.88 22.06
C PRO A 397 -9.72 -7.96 20.64
N GLU A 398 -10.87 -8.63 20.44
CA GLU A 398 -11.53 -8.80 19.14
C GLU A 398 -11.88 -7.44 18.52
N ILE A 399 -12.46 -6.52 19.34
CA ILE A 399 -12.82 -5.17 18.90
C ILE A 399 -11.55 -4.34 18.61
N PHE A 400 -10.51 -4.40 19.49
CA PHE A 400 -9.26 -3.66 19.30
C PHE A 400 -8.45 -4.16 18.10
N LEU A 401 -8.54 -5.47 17.77
CA LEU A 401 -7.84 -6.06 16.61
C LEU A 401 -8.37 -5.45 15.29
N GLY A 402 -9.68 -5.19 15.22
CA GLY A 402 -10.33 -4.56 14.09
C GLY A 402 -9.69 -3.22 13.78
N PHE A 403 -9.43 -2.43 14.83
CA PHE A 403 -8.73 -1.15 14.73
C PHE A 403 -7.29 -1.35 14.17
N LEU A 404 -6.53 -2.28 14.75
CA LEU A 404 -5.15 -2.53 14.37
C LEU A 404 -5.05 -2.95 12.90
N LYS A 405 -6.01 -3.79 12.44
CA LYS A 405 -6.08 -4.25 11.05
CA LYS A 405 -6.07 -4.25 11.05
C LYS A 405 -6.31 -3.06 10.11
N SER A 406 -7.27 -2.17 10.43
CA SER A 406 -7.58 -0.99 9.61
C SER A 406 -6.43 0.01 9.62
N TYR A 407 -5.71 0.11 10.77
CA TYR A 407 -4.57 1.00 10.96
C TYR A 407 -3.42 0.58 10.03
N ILE A 408 -3.09 -0.73 10.00
CA ILE A 408 -2.08 -1.33 9.13
C ILE A 408 -2.42 -1.07 7.64
N GLN A 409 -3.69 -1.27 7.25
CA GLN A 409 -4.19 -1.06 5.88
CA GLN A 409 -4.18 -1.05 5.88
C GLN A 409 -4.16 0.43 5.51
N MET A 410 -4.59 1.29 6.44
CA MET A 410 -4.62 2.74 6.24
C MET A 410 -3.22 3.29 5.91
N PHE A 411 -2.20 2.92 6.70
CA PHE A 411 -0.88 3.51 6.56
C PHE A 411 0.20 2.61 5.95
N ALA A 412 -0.20 1.48 5.31
CA ALA A 412 0.73 0.55 4.67
C ALA A 412 1.62 1.25 3.65
N PHE A 413 2.95 0.96 3.69
CA PHE A 413 4.01 1.49 2.83
C PHE A 413 4.32 2.98 3.15
N LYS A 414 3.74 3.52 4.23
CA LYS A 414 3.95 4.91 4.64
C LYS A 414 4.58 5.01 6.04
N SER A 415 5.00 6.23 6.43
CA SER A 415 5.55 6.56 7.74
C SER A 415 4.48 7.30 8.53
N VAL A 416 4.46 7.15 9.88
CA VAL A 416 3.39 7.68 10.72
C VAL A 416 3.91 8.38 12.00
N THR A 417 3.21 9.48 12.38
CA THR A 417 3.41 10.26 13.61
C THR A 417 2.38 9.81 14.64
N THR A 418 2.65 10.08 15.91
CA THR A 418 1.76 9.78 17.03
C THR A 418 0.41 10.53 16.83
N GLU A 419 0.45 11.73 16.20
CA GLU A 419 -0.72 12.54 15.90
C GLU A 419 -1.60 11.85 14.86
N GLU A 420 -1.01 11.27 13.77
CA GLU A 420 -1.75 10.54 12.71
C GLU A 420 -2.42 9.31 13.30
N TRP A 421 -1.70 8.58 14.17
CA TRP A 421 -2.20 7.40 14.88
C TRP A 421 -3.43 7.77 15.73
N LYS A 422 -3.37 8.90 16.49
CA LYS A 422 -4.45 9.33 17.37
C LYS A 422 -5.65 9.79 16.56
N LYS A 423 -5.42 10.50 15.43
CA LYS A 423 -6.48 10.92 14.51
C LYS A 423 -7.17 9.69 13.90
N PHE A 424 -6.39 8.62 13.58
CA PHE A 424 -6.98 7.41 13.01
C PHE A 424 -7.75 6.64 14.07
N LEU A 425 -7.20 6.59 15.32
CA LEU A 425 -7.87 5.92 16.45
C LEU A 425 -9.28 6.53 16.71
N TYR A 426 -9.39 7.87 16.62
CA TYR A 426 -10.65 8.60 16.81
C TYR A 426 -11.56 8.44 15.61
N SER A 427 -10.97 8.33 14.41
CA SER A 427 -11.75 8.15 13.18
C SER A 427 -12.42 6.78 13.19
N TYR A 428 -11.68 5.73 13.58
CA TYR A 428 -12.15 4.34 13.67
C TYR A 428 -13.19 4.21 14.80
N PHE A 429 -12.86 4.65 16.04
CA PHE A 429 -13.79 4.57 17.17
C PHE A 429 -14.62 5.87 17.31
N LYS A 430 -15.30 6.27 16.21
CA LYS A 430 -16.14 7.48 16.13
C LYS A 430 -17.37 7.40 17.03
N ASP A 431 -17.94 6.19 17.21
CA ASP A 431 -19.12 5.99 18.07
C ASP A 431 -18.70 5.86 19.55
N LYS A 432 -17.44 5.46 19.79
CA LYS A 432 -16.80 5.24 21.10
C LYS A 432 -15.85 6.41 21.47
N VAL A 433 -15.92 7.53 20.74
CA VAL A 433 -15.14 8.76 20.90
C VAL A 433 -15.26 9.32 22.35
N ASP A 434 -16.40 9.05 23.04
CA ASP A 434 -16.61 9.47 24.43
C ASP A 434 -15.68 8.69 25.40
N ILE A 435 -15.38 7.42 25.07
CA ILE A 435 -14.50 6.58 25.87
C ILE A 435 -13.03 7.02 25.65
N LEU A 436 -12.70 7.49 24.43
CA LEU A 436 -11.36 7.97 24.07
C LEU A 436 -11.02 9.27 24.85
N ASP A 437 -12.00 10.19 24.98
CA ASP A 437 -11.84 11.47 25.67
C ASP A 437 -11.68 11.30 27.20
N LYS A 438 -11.78 10.05 27.70
CA LYS A 438 -11.60 9.73 29.11
C LYS A 438 -10.12 9.49 29.46
N VAL A 439 -9.32 9.09 28.45
CA VAL A 439 -7.91 8.75 28.64
C VAL A 439 -7.10 10.05 28.84
N ASP A 440 -6.10 9.99 29.73
CA ASP A 440 -5.20 11.10 30.05
C ASP A 440 -4.02 11.03 29.05
N TRP A 441 -4.25 11.61 27.86
CA TRP A 441 -3.32 11.63 26.74
C TRP A 441 -1.98 12.31 27.07
N LYS A 442 -2.00 13.44 27.77
CA LYS A 442 -0.81 14.20 28.20
C LYS A 442 0.05 13.34 29.17
N GLY A 443 -0.61 12.70 30.14
CA GLY A 443 0.00 11.79 31.09
C GLY A 443 0.60 10.57 30.43
N TRP A 444 -0.05 10.06 29.38
CA TRP A 444 0.43 8.91 28.61
C TRP A 444 1.53 9.25 27.61
N MET A 445 1.43 10.39 26.89
CA MET A 445 2.36 10.74 25.81
C MET A 445 3.56 11.59 26.20
N HIS A 446 3.36 12.61 27.06
CA HIS A 446 4.44 13.56 27.36
C HIS A 446 4.70 13.75 28.85
N THR A 447 4.62 12.68 29.62
CA THR A 447 4.92 12.75 31.05
C THR A 447 5.97 11.65 31.37
N PRO A 448 7.09 11.99 32.06
CA PRO A 448 8.09 10.95 32.41
C PRO A 448 7.57 9.95 33.45
N GLY A 449 8.26 8.82 33.59
CA GLY A 449 7.95 7.80 34.58
C GLY A 449 6.86 6.83 34.25
N MET A 450 6.16 6.36 35.30
CA MET A 450 5.11 5.36 35.15
C MET A 450 3.81 5.94 34.57
N PRO A 451 3.07 5.11 33.79
CA PRO A 451 1.84 5.59 33.15
C PRO A 451 0.78 6.08 34.14
N PRO A 452 -0.14 6.97 33.71
CA PRO A 452 -1.14 7.53 34.66
C PRO A 452 -2.09 6.49 35.26
N VAL A 453 -2.51 5.49 34.47
CA VAL A 453 -3.43 4.42 34.89
C VAL A 453 -2.79 3.04 34.58
N GLN A 454 -3.05 2.04 35.44
CA GLN A 454 -2.55 0.67 35.25
C GLN A 454 -3.67 -0.23 34.70
N PRO A 455 -3.41 -0.99 33.60
CA PRO A 455 -4.45 -1.90 33.08
C PRO A 455 -4.75 -3.05 34.04
N LYS A 456 -5.97 -3.62 33.96
CA LYS A 456 -6.38 -4.76 34.79
C LYS A 456 -5.71 -6.05 34.28
N TYR A 457 -4.91 -6.72 35.14
CA TYR A 457 -4.20 -7.95 34.78
C TYR A 457 -4.67 -9.16 35.56
N ASP A 458 -4.56 -10.36 34.94
CA ASP A 458 -4.77 -11.64 35.61
C ASP A 458 -3.48 -11.92 36.39
N MET A 459 -3.59 -12.26 37.69
CA MET A 459 -2.44 -12.44 38.59
C MET A 459 -2.09 -13.91 38.87
N THR A 460 -2.78 -14.85 38.20
CA THR A 460 -2.62 -16.31 38.40
C THR A 460 -1.14 -16.74 38.38
N LEU A 461 -0.40 -16.40 37.31
CA LEU A 461 1.00 -16.83 37.17
C LEU A 461 1.99 -15.93 37.92
N ALA A 462 1.62 -14.66 38.18
CA ALA A 462 2.50 -13.69 38.84
C ALA A 462 2.55 -13.82 40.35
N ASN A 463 1.43 -14.21 41.00
CA ASN A 463 1.29 -14.31 42.47
C ASN A 463 2.48 -15.04 43.14
N ALA A 464 2.93 -16.17 42.58
CA ALA A 464 4.05 -16.95 43.10
C ALA A 464 5.38 -16.17 43.03
N CYS A 465 5.56 -15.33 41.97
CA CYS A 465 6.77 -14.53 41.75
C CYS A 465 6.89 -13.39 42.76
N ILE A 466 5.79 -12.65 42.98
CA ILE A 466 5.70 -11.51 43.91
C ILE A 466 5.98 -11.97 45.35
N THR A 467 5.43 -13.15 45.73
CA THR A 467 5.57 -13.76 47.05
C THR A 467 7.04 -14.13 47.36
N LEU A 468 7.68 -14.93 46.49
CA LEU A 468 9.07 -15.37 46.62
C LEU A 468 10.05 -14.18 46.75
N GLY A 469 9.90 -13.17 45.89
CA GLY A 469 10.73 -11.97 45.91
C GLY A 469 10.65 -11.21 47.22
N GLN A 470 9.42 -11.04 47.73
CA GLN A 470 9.16 -10.38 49.01
C GLN A 470 9.84 -11.17 50.12
N LYS A 471 9.68 -12.51 50.12
CA LYS A 471 10.28 -13.39 51.13
C LYS A 471 11.79 -13.20 51.18
N TRP A 472 12.45 -13.06 50.01
CA TRP A 472 13.90 -12.88 49.93
C TRP A 472 14.38 -11.50 50.42
N VAL A 473 13.65 -10.40 50.11
CA VAL A 473 14.05 -9.05 50.55
C VAL A 473 13.77 -8.82 52.05
N LYS A 474 12.79 -9.54 52.62
CA LYS A 474 12.44 -9.37 54.03
C LYS A 474 13.05 -10.48 54.93
N ALA A 475 13.83 -11.40 54.34
CA ALA A 475 14.48 -12.47 55.10
C ALA A 475 15.70 -11.98 55.85
N THR A 476 15.89 -12.48 57.07
CA THR A 476 17.08 -12.19 57.88
C THR A 476 18.04 -13.37 57.70
N GLU A 477 19.12 -13.46 58.51
CA GLU A 477 20.04 -14.59 58.43
C GLU A 477 19.37 -15.86 59.01
N SER A 478 18.46 -15.67 59.99
CA SER A 478 17.68 -16.73 60.66
C SER A 478 16.62 -17.38 59.72
N ASP A 479 16.11 -16.63 58.72
CA ASP A 479 15.08 -17.12 57.79
C ASP A 479 15.66 -17.89 56.58
N LEU A 480 16.97 -17.73 56.32
CA LEU A 480 17.68 -18.35 55.20
C LEU A 480 17.45 -19.87 55.11
N GLY A 481 17.34 -20.52 56.27
CA GLY A 481 17.10 -21.96 56.39
C GLY A 481 15.75 -22.44 55.90
N SER A 482 14.76 -21.51 55.84
CA SER A 482 13.40 -21.80 55.39
C SER A 482 13.34 -22.02 53.87
N PHE A 483 14.23 -21.36 53.10
CA PHE A 483 14.27 -21.46 51.64
C PHE A 483 14.80 -22.81 51.18
N SER A 484 14.16 -23.40 50.15
CA SER A 484 14.54 -24.70 49.59
C SER A 484 14.33 -24.72 48.07
N ALA A 485 14.64 -25.86 47.40
CA ALA A 485 14.48 -26.02 45.95
C ALA A 485 12.99 -25.89 45.54
N ASP A 486 12.08 -26.21 46.48
CA ASP A 486 10.62 -26.17 46.34
C ASP A 486 10.10 -24.80 45.89
N ASP A 487 10.81 -23.72 46.23
CA ASP A 487 10.47 -22.33 45.92
C ASP A 487 10.46 -22.02 44.41
N VAL A 488 11.39 -22.64 43.64
CA VAL A 488 11.55 -22.36 42.21
C VAL A 488 11.17 -23.59 41.33
N LYS A 489 11.07 -24.78 41.96
CA LYS A 489 10.75 -26.10 41.38
C LYS A 489 9.47 -26.09 40.54
N ASP A 490 8.39 -25.44 41.03
CA ASP A 490 7.09 -25.35 40.36
C ASP A 490 6.98 -24.10 39.46
N LEU A 491 8.11 -23.39 39.19
CA LEU A 491 8.06 -22.17 38.38
C LEU A 491 8.61 -22.38 36.98
N SER A 492 7.98 -21.72 35.99
CA SER A 492 8.45 -21.75 34.60
C SER A 492 9.64 -20.78 34.46
N SER A 493 10.35 -20.83 33.32
CA SER A 493 11.49 -19.95 33.04
C SER A 493 11.08 -18.46 33.12
N HIS A 494 9.90 -18.10 32.58
CA HIS A 494 9.35 -16.73 32.59
C HIS A 494 8.98 -16.29 34.01
N GLN A 495 8.57 -17.25 34.85
CA GLN A 495 8.28 -17.00 36.25
C GLN A 495 9.58 -16.75 37.03
N LEU A 496 10.66 -17.48 36.70
CA LEU A 496 11.97 -17.28 37.31
C LEU A 496 12.58 -15.93 36.88
N ILE A 497 12.33 -15.48 35.62
CA ILE A 497 12.81 -14.19 35.12
C ILE A 497 12.16 -13.05 35.95
N GLU A 498 10.83 -13.15 36.16
CA GLU A 498 10.00 -12.17 36.88
C GLU A 498 10.44 -12.00 38.34
N VAL A 499 10.65 -13.10 39.09
CA VAL A 499 11.07 -13.02 40.50
C VAL A 499 12.48 -12.37 40.60
N LEU A 500 13.40 -12.63 39.63
CA LEU A 500 14.73 -12.03 39.62
C LEU A 500 14.66 -10.53 39.31
N ALA A 501 13.82 -10.15 38.32
CA ALA A 501 13.55 -8.77 37.91
C ALA A 501 13.00 -7.94 39.08
N ILE A 502 12.10 -8.53 39.92
CA ILE A 502 11.54 -7.82 41.07
C ILE A 502 12.59 -7.69 42.19
N LEU A 503 13.54 -8.66 42.27
CA LEU A 503 14.64 -8.61 43.24
C LEU A 503 15.66 -7.54 42.85
N LEU A 504 15.85 -7.35 41.53
CA LEU A 504 16.78 -6.34 40.99
C LEU A 504 16.22 -4.92 41.15
N LEU A 505 14.86 -4.79 41.12
CA LEU A 505 14.10 -3.54 41.26
C LEU A 505 14.10 -3.01 42.71
N GLU A 506 14.39 -3.87 43.70
CA GLU A 506 14.45 -3.47 45.11
C GLU A 506 15.88 -3.12 45.53
N LYS A 507 16.12 -2.94 46.86
CA LYS A 507 17.44 -2.60 47.40
C LYS A 507 18.43 -3.79 47.30
N PRO A 508 19.77 -3.55 47.25
CA PRO A 508 20.73 -4.66 47.15
C PRO A 508 20.70 -5.63 48.34
N LEU A 509 20.67 -6.92 48.01
CA LEU A 509 20.60 -8.02 48.97
C LEU A 509 21.94 -8.28 49.66
N PRO A 510 21.93 -8.78 50.92
CA PRO A 510 23.21 -9.16 51.57
C PRO A 510 23.94 -10.30 50.85
N VAL A 511 25.29 -10.41 51.06
CA VAL A 511 26.18 -11.43 50.47
C VAL A 511 25.71 -12.83 50.90
N SER A 512 25.18 -12.97 52.13
CA SER A 512 24.66 -14.20 52.71
C SER A 512 23.42 -14.74 51.97
N HIS A 513 22.56 -13.84 51.47
CA HIS A 513 21.31 -14.19 50.79
C HIS A 513 21.55 -14.73 49.39
N VAL A 514 22.46 -14.11 48.62
CA VAL A 514 22.79 -14.55 47.26
C VAL A 514 23.60 -15.86 47.33
N LYS A 515 24.30 -16.10 48.45
CA LYS A 515 25.05 -17.33 48.73
C LYS A 515 24.05 -18.46 49.00
N ARG A 516 22.95 -18.12 49.70
CA ARG A 516 21.87 -19.04 50.05
C ARG A 516 21.08 -19.40 48.78
N MET A 517 20.90 -18.43 47.85
CA MET A 517 20.21 -18.65 46.57
C MET A 517 20.93 -19.69 45.73
N GLN A 518 22.27 -19.58 45.65
CA GLN A 518 23.12 -20.51 44.91
C GLN A 518 23.04 -21.90 45.53
N GLU A 519 23.00 -21.97 46.87
CA GLU A 519 22.93 -23.20 47.63
C GLU A 519 21.65 -24.01 47.33
N VAL A 520 20.46 -23.38 47.34
CA VAL A 520 19.21 -24.13 47.13
C VAL A 520 18.68 -24.07 45.68
N TYR A 521 18.96 -23.01 44.90
CA TYR A 521 18.41 -22.92 43.55
C TYR A 521 19.40 -23.31 42.45
N ASN A 522 20.73 -23.34 42.77
CA ASN A 522 21.83 -23.67 41.85
C ASN A 522 21.70 -22.88 40.51
N LEU A 523 21.56 -21.55 40.63
CA LEU A 523 21.39 -20.67 39.49
C LEU A 523 22.67 -20.45 38.68
N ASN A 524 23.83 -20.90 39.20
CA ASN A 524 25.12 -20.79 38.52
C ASN A 524 25.21 -21.71 37.30
N ASP A 525 24.44 -22.83 37.26
CA ASP A 525 24.50 -23.76 36.13
C ASP A 525 23.30 -23.63 35.15
N VAL A 526 22.47 -22.57 35.29
CA VAL A 526 21.34 -22.32 34.38
C VAL A 526 21.91 -21.69 33.09
N LYS A 527 21.67 -22.35 31.94
CA LYS A 527 22.16 -21.87 30.65
C LYS A 527 21.29 -20.75 30.07
N ASN A 528 19.98 -20.69 30.44
CA ASN A 528 18.98 -19.70 29.98
C ASN A 528 19.48 -18.25 30.24
N SER A 529 19.93 -17.59 29.17
CA SER A 529 20.54 -16.25 29.08
C SER A 529 19.82 -15.16 29.88
N GLU A 530 18.47 -15.13 29.82
CA GLU A 530 17.66 -14.11 30.50
C GLU A 530 17.72 -14.30 32.02
N ILE A 531 17.75 -15.57 32.47
CA ILE A 531 17.83 -15.94 33.88
C ILE A 531 19.27 -15.66 34.39
N ARG A 532 20.29 -16.14 33.66
CA ARG A 532 21.70 -16.00 34.01
C ARG A 532 22.12 -14.53 34.14
N PHE A 533 21.76 -13.66 33.18
CA PHE A 533 22.10 -12.23 33.20
C PHE A 533 21.57 -11.54 34.48
N ARG A 534 20.31 -11.81 34.84
CA ARG A 534 19.66 -11.25 36.01
C ARG A 534 20.29 -11.78 37.30
N TRP A 535 20.62 -13.07 37.33
CA TRP A 535 21.25 -13.75 38.46
C TRP A 535 22.63 -13.16 38.72
N LEU A 536 23.44 -12.96 37.66
CA LEU A 536 24.79 -12.39 37.79
C LEU A 536 24.72 -10.93 38.26
N ARG A 537 23.82 -10.11 37.68
CA ARG A 537 23.61 -8.70 38.03
C ARG A 537 23.22 -8.54 39.51
N LEU A 538 22.36 -9.44 40.02
CA LEU A 538 21.92 -9.45 41.41
C LEU A 538 23.09 -9.71 42.36
N CYS A 539 24.00 -10.63 41.98
CA CYS A 539 25.18 -11.01 42.75
C CYS A 539 26.21 -9.88 42.80
N ILE A 540 26.37 -9.11 41.70
CA ILE A 540 27.36 -8.02 41.63
C ILE A 540 26.96 -6.89 42.58
N ARG A 541 25.68 -6.46 42.52
CA ARG A 541 25.13 -5.42 43.40
C ARG A 541 25.26 -5.86 44.86
N ALA A 542 25.03 -7.17 45.14
CA ALA A 542 25.16 -7.74 46.49
C ALA A 542 26.59 -7.60 47.03
N GLY A 543 27.56 -7.52 46.12
CA GLY A 543 28.97 -7.37 46.47
C GLY A 543 29.68 -8.69 46.66
N TRP A 544 29.19 -9.73 45.96
CA TRP A 544 29.78 -11.06 45.99
C TRP A 544 31.00 -11.09 45.06
N GLU A 545 32.18 -11.35 45.63
CA GLU A 545 33.44 -11.42 44.90
C GLU A 545 33.51 -12.67 44.01
N ASP A 546 32.85 -13.76 44.44
CA ASP A 546 32.85 -15.06 43.77
C ASP A 546 32.22 -15.04 42.37
N VAL A 547 31.33 -14.07 42.10
CA VAL A 547 30.62 -13.93 40.82
C VAL A 547 31.42 -13.10 39.77
N ILE A 548 32.50 -12.38 40.17
CA ILE A 548 33.30 -11.54 39.27
C ILE A 548 33.79 -12.36 38.03
N PRO A 549 34.42 -13.57 38.16
CA PRO A 549 34.85 -14.29 36.94
C PRO A 549 33.70 -14.84 36.08
N LEU A 550 32.47 -14.98 36.64
CA LEU A 550 31.28 -15.46 35.90
C LEU A 550 30.64 -14.33 35.11
N ALA A 551 30.54 -13.13 35.72
CA ALA A 551 29.98 -11.93 35.09
C ALA A 551 30.88 -11.47 33.93
N LEU A 552 32.21 -11.52 34.14
CA LEU A 552 33.20 -11.18 33.11
C LEU A 552 33.13 -12.15 31.93
N ALA A 553 32.90 -13.44 32.22
CA ALA A 553 32.77 -14.51 31.23
C ALA A 553 31.57 -14.25 30.30
N MET A 554 30.36 -14.08 30.88
CA MET A 554 29.13 -13.82 30.12
C MET A 554 29.19 -12.48 29.35
N ALA A 555 29.88 -11.47 29.90
CA ALA A 555 30.03 -10.17 29.26
C ALA A 555 30.99 -10.21 28.07
N THR A 556 31.91 -11.19 28.03
CA THR A 556 32.89 -11.29 26.94
C THR A 556 32.60 -12.45 25.96
N GLU A 557 31.84 -13.49 26.37
CA GLU A 557 31.54 -14.61 25.47
C GLU A 557 30.40 -14.25 24.52
N GLN A 558 29.66 -13.22 24.83
CA GLN A 558 28.59 -12.71 23.98
C GLN A 558 28.66 -11.19 23.99
N GLY A 559 27.99 -10.56 23.04
CA GLY A 559 28.02 -9.11 22.87
C GLY A 559 26.67 -8.45 22.71
N ARG A 560 25.60 -9.12 23.18
CA ARG A 560 24.26 -8.58 23.15
C ARG A 560 24.20 -7.48 24.22
N MET A 561 24.00 -6.23 23.76
CA MET A 561 24.00 -5.00 24.57
C MET A 561 23.10 -5.09 25.78
N LYS A 562 21.92 -5.74 25.67
CA LYS A 562 20.98 -5.94 26.78
C LYS A 562 21.68 -6.62 27.96
N PHE A 563 22.62 -7.54 27.67
CA PHE A 563 23.32 -8.29 28.69
C PHE A 563 24.74 -7.71 28.98
N THR A 564 25.57 -7.51 27.94
CA THR A 564 26.96 -7.04 28.04
C THR A 564 27.09 -5.64 28.71
N ARG A 565 26.33 -4.63 28.22
CA ARG A 565 26.38 -3.26 28.73
C ARG A 565 26.07 -3.18 30.26
N PRO A 566 24.93 -3.69 30.81
CA PRO A 566 24.71 -3.61 32.26
C PRO A 566 25.73 -4.41 33.08
N LEU A 567 26.18 -5.59 32.60
CA LEU A 567 27.16 -6.42 33.32
C LEU A 567 28.48 -5.65 33.51
N TYR A 568 28.95 -4.95 32.46
CA TYR A 568 30.15 -4.12 32.49
C TYR A 568 30.00 -2.90 33.43
N ARG A 569 28.83 -2.21 33.38
CA ARG A 569 28.51 -1.04 34.22
C ARG A 569 28.54 -1.40 35.69
N ASP A 570 27.79 -2.46 36.07
CA ASP A 570 27.71 -2.98 37.42
C ASP A 570 29.09 -3.45 37.92
N LEU A 571 29.87 -4.12 37.05
CA LEU A 571 31.22 -4.60 37.38
C LEU A 571 32.19 -3.44 37.66
N TYR A 572 32.01 -2.30 36.93
CA TYR A 572 32.84 -1.09 37.09
C TYR A 572 32.53 -0.40 38.42
N ASN A 573 31.23 -0.31 38.78
CA ASN A 573 30.78 0.31 40.03
C ASN A 573 31.12 -0.56 41.25
N PHE A 574 31.60 -1.79 41.00
CA PHE A 574 32.02 -2.76 42.01
C PHE A 574 33.55 -2.62 42.21
N GLU A 575 33.93 -1.84 43.25
CA GLU A 575 35.28 -1.45 43.66
C GLU A 575 36.33 -2.58 43.52
N LYS A 576 36.03 -3.77 44.08
CA LYS A 576 36.93 -4.94 44.07
C LYS A 576 37.19 -5.46 42.65
N ALA A 577 36.19 -5.34 41.75
CA ALA A 577 36.26 -5.83 40.38
C ALA A 577 36.81 -4.78 39.38
N ARG A 578 36.59 -3.47 39.63
CA ARG A 578 36.92 -2.31 38.78
C ARG A 578 38.20 -2.45 37.96
N GLU A 579 39.33 -2.84 38.59
CA GLU A 579 40.61 -2.97 37.91
C GLU A 579 40.60 -4.04 36.80
N GLN A 580 40.19 -5.27 37.15
CA GLN A 580 40.13 -6.43 36.25
C GLN A 580 39.14 -6.22 35.09
N THR A 581 38.01 -5.54 35.34
CA THR A 581 36.97 -5.30 34.33
C THR A 581 37.43 -4.33 33.24
N VAL A 582 38.15 -3.26 33.64
CA VAL A 582 38.71 -2.25 32.73
C VAL A 582 39.74 -2.94 31.83
N ASN A 583 40.61 -3.76 32.45
CA ASN A 583 41.66 -4.52 31.76
C ASN A 583 41.07 -5.64 30.90
N THR A 584 39.91 -6.20 31.29
CA THR A 584 39.23 -7.24 30.49
C THR A 584 38.64 -6.61 29.22
N PHE A 585 38.05 -5.40 29.36
CA PHE A 585 37.45 -4.64 28.26
C PHE A 585 38.49 -4.20 27.24
N LEU A 586 39.67 -3.71 27.69
CA LEU A 586 40.71 -3.22 26.78
C LEU A 586 41.24 -4.39 25.94
N LYS A 587 41.42 -5.58 26.56
CA LYS A 587 41.90 -6.79 25.88
C LYS A 587 40.87 -7.35 24.89
N ASN A 588 39.59 -6.90 24.94
CA ASN A 588 38.51 -7.39 24.05
C ASN A 588 37.89 -6.27 23.18
N ARG A 589 38.33 -5.01 23.37
CA ARG A 589 37.88 -3.77 22.70
C ARG A 589 37.89 -3.85 21.16
N SER A 590 38.92 -4.49 20.57
CA SER A 590 39.09 -4.63 19.12
C SER A 590 38.23 -5.74 18.52
N PHE A 591 37.84 -6.73 19.34
CA PHE A 591 37.07 -7.90 18.90
C PHE A 591 35.53 -7.74 19.09
N MET A 592 35.07 -6.56 19.54
CA MET A 592 33.64 -6.32 19.75
C MET A 592 33.06 -5.34 18.71
N HIS A 593 31.73 -5.33 18.61
CA HIS A 593 30.94 -4.49 17.72
C HIS A 593 31.17 -3.00 18.03
N PRO A 594 31.27 -2.09 17.02
CA PRO A 594 31.55 -0.67 17.33
C PRO A 594 30.53 0.05 18.22
N VAL A 595 29.24 -0.33 18.14
CA VAL A 595 28.17 0.31 18.95
C VAL A 595 28.32 -0.14 20.42
N THR A 596 28.45 -1.47 20.62
CA THR A 596 28.62 -2.07 21.94
C THR A 596 29.88 -1.47 22.58
N GLU A 597 31.00 -1.39 21.82
CA GLU A 597 32.29 -0.84 22.26
C GLU A 597 32.17 0.62 22.71
N MET A 598 31.62 1.52 21.85
CA MET A 598 31.50 2.95 22.18
C MET A 598 30.67 3.14 23.45
N LEU A 599 29.55 2.41 23.58
CA LEU A 599 28.67 2.48 24.73
C LEU A 599 29.32 1.88 26.00
N VAL A 600 30.08 0.76 25.89
CA VAL A 600 30.76 0.15 27.05
C VAL A 600 31.97 1.03 27.48
N ALA A 601 32.64 1.72 26.53
CA ALA A 601 33.80 2.58 26.84
C ALA A 601 33.40 3.87 27.52
N LYS A 602 32.22 4.41 27.20
CA LYS A 602 31.70 5.64 27.81
C LYS A 602 31.31 5.37 29.27
N ASP A 603 30.63 4.24 29.52
CA ASP A 603 30.22 3.73 30.84
C ASP A 603 31.41 3.57 31.81
N LEU A 604 32.54 3.04 31.30
CA LEU A 604 33.76 2.78 32.05
C LEU A 604 34.65 4.03 32.20
N HIS A 605 34.22 5.20 31.65
CA HIS A 605 34.94 6.49 31.66
C HIS A 605 36.30 6.40 30.89
N ILE A 606 36.36 5.50 29.89
CA ILE A 606 37.54 5.27 29.05
C ILE A 606 37.47 6.23 27.83
N SER A 607 36.63 5.91 26.80
CA SER A 607 36.41 6.66 25.56
C SER A 607 37.74 6.89 24.80
N ALA B 2 2.52 -7.50 -22.55
CA ALA B 2 1.53 -8.41 -21.98
C ALA B 2 0.16 -8.10 -22.54
N ASP B 3 -0.25 -6.82 -22.45
CA ASP B 3 -1.53 -6.32 -22.94
C ASP B 3 -1.51 -6.26 -24.47
N PRO B 4 -2.38 -7.03 -25.14
CA PRO B 4 -2.45 -6.97 -26.61
C PRO B 4 -2.92 -5.60 -27.13
N SER B 5 -3.39 -4.73 -26.21
CA SER B 5 -3.89 -3.38 -26.53
C SER B 5 -2.77 -2.32 -26.50
N SER B 6 -1.59 -2.68 -25.97
CA SER B 6 -0.41 -1.81 -25.85
C SER B 6 0.76 -2.34 -26.68
N PHE B 7 1.69 -1.44 -27.04
CA PHE B 7 2.91 -1.79 -27.77
C PHE B 7 4.09 -1.84 -26.79
N ALA B 8 3.93 -1.25 -25.59
CA ALA B 8 4.92 -1.22 -24.51
C ALA B 8 5.10 -2.61 -23.88
N SER B 9 6.32 -2.86 -23.36
CA SER B 9 6.69 -4.13 -22.70
C SER B 9 6.88 -3.91 -21.19
N PRO B 10 5.88 -4.33 -20.36
CA PRO B 10 6.01 -4.14 -18.90
C PRO B 10 7.10 -5.02 -18.26
N GLU B 11 7.51 -6.09 -18.97
CA GLU B 11 8.55 -7.03 -18.54
C GLU B 11 9.96 -6.48 -18.77
N LYS B 12 10.09 -5.45 -19.63
CA LYS B 12 11.39 -4.84 -19.95
C LYS B 12 11.69 -3.66 -19.03
N PHE B 13 10.76 -2.71 -18.87
CA PHE B 13 10.95 -1.53 -18.02
C PHE B 13 9.63 -1.06 -17.44
N ASN B 14 9.71 -0.30 -16.33
CA ASN B 14 8.53 0.17 -15.61
C ASN B 14 8.58 1.67 -15.31
N ILE B 15 7.51 2.40 -15.66
CA ILE B 15 7.36 3.83 -15.35
C ILE B 15 6.92 3.88 -13.91
N LYS B 16 7.71 4.54 -13.06
CA LYS B 16 7.47 4.60 -11.63
C LYS B 16 6.88 5.94 -11.18
N HIS B 17 7.15 7.01 -11.94
CA HIS B 17 6.68 8.36 -11.61
C HIS B 17 6.65 9.23 -12.85
N MET B 18 5.73 10.20 -12.84
CA MET B 18 5.57 11.18 -13.89
C MET B 18 5.45 12.57 -13.32
N HIS B 19 6.23 13.50 -13.86
CA HIS B 19 6.11 14.93 -13.56
C HIS B 19 5.53 15.54 -14.83
N LEU B 20 4.31 16.10 -14.76
CA LEU B 20 3.61 16.62 -15.93
C LEU B 20 3.46 18.14 -15.96
N LYS B 21 4.09 18.77 -16.97
CA LYS B 21 3.97 20.21 -17.23
C LYS B 21 3.02 20.35 -18.43
N LEU B 22 1.72 20.57 -18.17
CA LEU B 22 0.71 20.65 -19.24
C LEU B 22 0.32 22.08 -19.57
N HIS B 23 0.45 22.46 -20.85
CA HIS B 23 0.06 23.77 -21.37
C HIS B 23 -1.26 23.60 -22.14
N VAL B 24 -2.38 24.15 -21.63
CA VAL B 24 -3.64 23.98 -22.35
C VAL B 24 -4.04 25.32 -23.00
N ASP B 25 -4.23 25.27 -24.33
CA ASP B 25 -4.66 26.43 -25.11
C ASP B 25 -5.95 26.07 -25.81
N PHE B 26 -6.98 26.88 -25.55
CA PHE B 26 -8.32 26.71 -26.09
C PHE B 26 -8.46 27.18 -27.53
N THR B 27 -7.64 28.17 -27.96
CA THR B 27 -7.68 28.70 -29.33
C THR B 27 -7.18 27.60 -30.31
N SER B 28 -6.09 26.90 -29.94
CA SER B 28 -5.50 25.84 -30.73
C SER B 28 -6.14 24.47 -30.48
N ARG B 29 -6.84 24.30 -29.33
CA ARG B 29 -7.51 23.07 -28.87
C ARG B 29 -6.49 21.91 -28.69
N ALA B 30 -5.31 22.22 -28.13
CA ALA B 30 -4.25 21.24 -27.90
C ALA B 30 -3.62 21.37 -26.52
N ILE B 31 -2.96 20.29 -26.05
CA ILE B 31 -2.26 20.21 -24.77
C ILE B 31 -0.81 19.88 -25.09
N ALA B 32 0.07 20.85 -24.85
CA ALA B 32 1.50 20.67 -25.06
C ALA B 32 2.06 20.17 -23.74
N ALA B 33 2.55 18.93 -23.73
CA ALA B 33 3.04 18.33 -22.50
C ALA B 33 4.54 18.09 -22.49
N SER B 34 5.15 18.47 -21.38
CA SER B 34 6.55 18.26 -21.06
C SER B 34 6.55 17.20 -19.97
N THR B 35 6.61 15.92 -20.37
CA THR B 35 6.52 14.81 -19.40
C THR B 35 7.92 14.30 -19.02
N SER B 36 8.18 14.20 -17.70
CA SER B 36 9.42 13.69 -17.13
C SER B 36 9.11 12.32 -16.53
N LEU B 37 9.52 11.25 -17.22
CA LEU B 37 9.23 9.89 -16.80
C LEU B 37 10.44 9.24 -16.10
N THR B 38 10.20 8.66 -14.92
CA THR B 38 11.19 7.90 -14.16
C THR B 38 11.06 6.46 -14.62
N VAL B 39 12.06 5.98 -15.36
CA VAL B 39 12.05 4.65 -15.96
C VAL B 39 12.95 3.69 -15.17
N ARG B 40 12.38 2.55 -14.73
CA ARG B 40 13.11 1.50 -14.01
C ARG B 40 13.28 0.30 -14.93
N SER B 41 14.54 -0.03 -15.26
CA SER B 41 14.89 -1.17 -16.12
C SER B 41 14.68 -2.49 -15.38
N LEU B 42 13.98 -3.44 -16.02
CA LEU B 42 13.67 -4.77 -15.49
C LEU B 42 14.56 -5.83 -16.18
N GLN B 43 15.25 -5.42 -17.26
CA GLN B 43 16.15 -6.25 -18.05
C GLN B 43 17.60 -5.85 -17.80
N ASP B 44 18.49 -6.85 -17.85
CA ASP B 44 19.91 -6.73 -17.60
C ASP B 44 20.64 -5.72 -18.50
N SER B 45 20.28 -5.64 -19.80
CA SER B 45 20.93 -4.72 -20.74
C SER B 45 19.91 -4.12 -21.72
N LEU B 46 19.27 -3.01 -21.31
CA LEU B 46 18.26 -2.31 -22.10
C LEU B 46 18.89 -1.24 -22.99
N ALA B 47 18.58 -1.31 -24.29
CA ALA B 47 19.07 -0.36 -25.27
C ALA B 47 17.95 0.54 -25.79
N SER B 48 16.72 0.00 -25.91
CA SER B 48 15.55 0.73 -26.45
C SER B 48 14.44 0.94 -25.41
N LEU B 49 13.57 1.94 -25.66
CA LEU B 49 12.43 2.31 -24.82
C LEU B 49 11.18 2.51 -25.68
N ILE B 50 10.22 1.56 -25.60
CA ILE B 50 8.96 1.58 -26.38
C ILE B 50 7.76 2.09 -25.56
N LEU B 51 7.17 3.20 -26.01
CA LEU B 51 6.00 3.82 -25.38
C LEU B 51 4.84 3.95 -26.35
N ASP B 52 3.60 4.00 -25.83
CA ASP B 52 2.38 4.15 -26.61
C ASP B 52 2.03 5.62 -26.88
N THR B 53 1.67 5.94 -28.15
CA THR B 53 1.23 7.25 -28.63
C THR B 53 0.09 7.08 -29.62
N LYS B 54 -0.82 8.05 -29.71
CA LYS B 54 -1.94 8.05 -30.65
C LYS B 54 -2.26 9.49 -31.04
N ASP B 55 -1.98 9.86 -32.31
CA ASP B 55 -2.19 11.20 -32.87
C ASP B 55 -1.45 12.27 -32.05
N LEU B 56 -0.24 11.91 -31.57
CA LEU B 56 0.67 12.72 -30.77
C LEU B 56 1.84 13.17 -31.61
N THR B 57 2.31 14.41 -31.37
CA THR B 57 3.48 14.94 -32.05
C THR B 57 4.59 15.04 -31.00
N ILE B 58 5.69 14.29 -31.21
CA ILE B 58 6.82 14.29 -30.29
C ILE B 58 7.85 15.28 -30.85
N LYS B 59 8.13 16.35 -30.09
CA LYS B 59 9.07 17.40 -30.48
C LYS B 59 10.51 16.95 -30.20
N LYS B 60 10.84 16.64 -28.92
CA LYS B 60 12.16 16.16 -28.55
C LYS B 60 12.10 15.24 -27.33
N VAL B 61 13.10 14.34 -27.23
CA VAL B 61 13.28 13.39 -26.14
C VAL B 61 14.68 13.62 -25.56
N ALA B 62 14.78 13.76 -24.22
CA ALA B 62 16.04 13.99 -23.52
C ALA B 62 16.17 13.04 -22.33
N VAL B 63 17.21 12.20 -22.34
CA VAL B 63 17.48 11.24 -21.27
C VAL B 63 18.70 11.76 -20.49
N ASN B 64 18.44 12.23 -19.25
CA ASN B 64 19.36 12.83 -18.26
C ASN B 64 20.24 13.95 -18.90
N GLY B 65 19.61 14.80 -19.71
CA GLY B 65 20.24 15.93 -20.38
C GLY B 65 21.14 15.52 -21.52
N LYS B 66 20.53 14.99 -22.60
CA LYS B 66 21.19 14.54 -23.83
C LYS B 66 20.18 14.56 -24.97
N ASP B 67 20.57 15.05 -26.16
CA ASP B 67 19.70 15.08 -27.34
C ASP B 67 19.58 13.66 -27.91
N ALA B 68 18.64 12.87 -27.34
CA ALA B 68 18.38 11.48 -27.71
C ALA B 68 17.68 11.37 -29.06
N THR B 69 17.99 10.29 -29.79
CA THR B 69 17.43 9.98 -31.11
C THR B 69 16.21 9.05 -30.94
N PHE B 70 15.09 9.39 -31.61
CA PHE B 70 13.84 8.64 -31.54
C PHE B 70 13.23 8.37 -32.92
N ALA B 71 12.65 7.16 -33.11
CA ALA B 71 12.05 6.71 -34.36
C ALA B 71 10.70 6.01 -34.14
N LEU B 72 9.78 6.15 -35.11
CA LEU B 72 8.44 5.55 -35.10
C LEU B 72 8.38 4.39 -36.10
N GLY B 73 7.77 3.29 -35.68
CA GLY B 73 7.64 2.06 -36.48
C GLY B 73 6.44 2.06 -37.41
N THR B 74 5.91 0.86 -37.69
CA THR B 74 4.75 0.69 -38.57
C THR B 74 3.48 1.05 -37.80
N THR B 75 2.67 1.94 -38.38
CA THR B 75 1.43 2.45 -37.79
C THR B 75 0.35 1.35 -37.68
N HIS B 76 -0.49 1.46 -36.63
CA HIS B 76 -1.59 0.52 -36.35
C HIS B 76 -2.96 1.22 -36.56
N SER B 77 -4.00 0.41 -36.85
CA SER B 77 -5.37 0.86 -37.12
C SER B 77 -6.02 1.61 -35.95
N PHE B 78 -5.75 1.19 -34.70
CA PHE B 78 -6.34 1.79 -33.49
C PHE B 78 -5.34 1.92 -32.32
N LYS B 79 -4.38 0.98 -32.19
CA LYS B 79 -3.39 0.99 -31.10
C LYS B 79 -2.48 2.23 -31.12
N GLY B 80 -2.21 2.74 -32.33
CA GLY B 80 -1.35 3.89 -32.58
C GLY B 80 0.01 3.53 -33.16
N THR B 81 0.85 4.55 -33.41
CA THR B 81 2.21 4.33 -33.93
C THR B 81 3.17 4.29 -32.73
N PRO B 82 4.04 3.24 -32.60
CA PRO B 82 4.93 3.18 -31.42
C PRO B 82 6.04 4.23 -31.45
N LEU B 83 6.65 4.50 -30.28
CA LEU B 83 7.75 5.46 -30.13
C LEU B 83 8.96 4.77 -29.49
N GLU B 84 10.02 4.57 -30.29
CA GLU B 84 11.24 3.92 -29.81
C GLU B 84 12.29 4.96 -29.44
N ILE B 85 12.76 4.95 -28.18
CA ILE B 85 13.81 5.86 -27.71
C ILE B 85 15.06 4.99 -27.54
N THR B 86 16.03 5.13 -28.45
CA THR B 86 17.25 4.30 -28.38
C THR B 86 18.26 5.01 -27.45
N LEU B 87 18.43 4.43 -26.25
CA LEU B 87 19.30 4.90 -25.14
C LEU B 87 20.77 4.97 -25.54
N PRO B 88 21.50 6.02 -25.09
CA PRO B 88 22.93 6.14 -25.43
C PRO B 88 23.82 5.09 -24.74
N PHE B 89 23.47 4.72 -23.50
CA PHE B 89 24.18 3.73 -22.71
C PHE B 89 23.19 2.66 -22.24
N SER B 90 23.61 1.39 -22.28
CA SER B 90 22.80 0.24 -21.90
C SER B 90 22.55 0.22 -20.39
N LEU B 91 21.28 0.46 -20.01
CA LEU B 91 20.82 0.48 -18.61
C LEU B 91 20.88 -0.92 -18.01
N THR B 92 21.11 -0.99 -16.68
CA THR B 92 21.20 -2.26 -15.98
C THR B 92 19.87 -2.57 -15.25
N ARG B 93 19.71 -3.86 -14.86
CA ARG B 93 18.56 -4.40 -14.16
CA ARG B 93 18.55 -4.39 -14.16
C ARG B 93 18.44 -3.75 -12.77
N GLY B 94 17.33 -3.06 -12.55
CA GLY B 94 17.04 -2.36 -11.30
C GLY B 94 17.56 -0.95 -11.22
N GLN B 95 17.94 -0.36 -12.37
CA GLN B 95 18.42 1.02 -12.40
C GLN B 95 17.33 1.96 -12.88
N GLU B 96 17.27 3.16 -12.29
CA GLU B 96 16.31 4.18 -12.64
C GLU B 96 16.99 5.34 -13.36
N VAL B 97 16.29 5.91 -14.36
CA VAL B 97 16.76 7.04 -15.18
C VAL B 97 15.57 7.98 -15.43
N ILE B 98 15.84 9.26 -15.74
CA ILE B 98 14.77 10.23 -16.03
C ILE B 98 14.76 10.53 -17.52
N VAL B 99 13.59 10.31 -18.16
CA VAL B 99 13.37 10.54 -19.58
C VAL B 99 12.39 11.70 -19.73
N GLU B 100 12.87 12.84 -20.24
CA GLU B 100 12.09 14.04 -20.48
C GLU B 100 11.58 14.03 -21.92
N ILE B 101 10.26 14.15 -22.13
CA ILE B 101 9.68 14.16 -23.48
C ILE B 101 8.78 15.38 -23.68
N ASP B 102 9.02 16.12 -24.77
CA ASP B 102 8.22 17.28 -25.14
C ASP B 102 7.29 16.87 -26.29
N SER B 103 5.99 16.85 -26.01
CA SER B 103 4.96 16.46 -26.97
C SER B 103 3.86 17.51 -27.07
N VAL B 104 2.92 17.30 -28.01
CA VAL B 104 1.73 18.12 -28.23
C VAL B 104 0.65 17.21 -28.84
N THR B 105 -0.59 17.33 -28.32
CA THR B 105 -1.75 16.57 -28.76
C THR B 105 -2.27 17.11 -30.10
N SER B 106 -3.16 16.35 -30.73
CA SER B 106 -3.86 16.77 -31.94
C SER B 106 -5.22 17.31 -31.50
N PRO B 107 -5.85 18.30 -32.19
CA PRO B 107 -7.19 18.76 -31.74
C PRO B 107 -8.25 17.66 -31.79
N LYS B 108 -7.96 16.57 -32.53
CA LYS B 108 -8.83 15.42 -32.74
C LYS B 108 -8.61 14.32 -31.67
N SER B 109 -7.69 14.57 -30.69
CA SER B 109 -7.34 13.67 -29.58
C SER B 109 -8.57 12.93 -29.04
N SER B 110 -8.54 11.58 -29.14
CA SER B 110 -9.64 10.70 -28.72
C SER B 110 -9.96 10.83 -27.21
N ALA B 111 -8.95 11.17 -26.39
CA ALA B 111 -9.11 11.33 -24.93
C ALA B 111 -9.83 12.62 -24.53
N LEU B 112 -9.77 13.67 -25.36
CA LEU B 112 -10.32 14.96 -24.96
C LEU B 112 -11.54 15.41 -25.77
N GLN B 113 -12.33 16.32 -25.17
CA GLN B 113 -13.49 16.94 -25.81
C GLN B 113 -13.40 18.46 -25.58
N TRP B 114 -13.32 19.21 -26.69
CA TRP B 114 -13.24 20.67 -26.70
C TRP B 114 -14.58 21.24 -27.17
N LEU B 115 -15.45 21.61 -26.21
CA LEU B 115 -16.78 22.15 -26.50
C LEU B 115 -16.76 23.68 -26.40
N ASN B 116 -17.34 24.36 -27.43
CA ASN B 116 -17.39 25.81 -27.58
C ASN B 116 -18.21 26.50 -26.47
N LYS B 117 -18.15 27.86 -26.43
CA LYS B 117 -18.83 28.74 -25.48
C LYS B 117 -20.37 28.67 -25.68
N GLU B 118 -20.82 28.25 -26.88
CA GLU B 118 -22.21 28.05 -27.28
C GLU B 118 -22.70 26.67 -26.80
N GLN B 119 -21.76 25.70 -26.64
CA GLN B 119 -22.00 24.32 -26.19
C GLN B 119 -22.03 24.21 -24.66
N THR B 120 -21.48 25.20 -23.95
CA THR B 120 -21.45 25.26 -22.48
C THR B 120 -22.77 25.84 -21.95
N ALA B 121 -22.97 25.82 -20.61
CA ALA B 121 -24.17 26.36 -19.98
C ALA B 121 -24.28 27.87 -20.25
N GLY B 122 -25.22 28.21 -21.14
CA GLY B 122 -25.49 29.57 -21.60
C GLY B 122 -24.53 30.04 -22.68
N LYS B 123 -23.71 31.06 -22.35
CA LYS B 123 -22.71 31.71 -23.21
C LYS B 123 -21.76 32.49 -22.29
N ILE B 124 -20.89 31.77 -21.55
CA ILE B 124 -19.99 32.43 -20.59
C ILE B 124 -18.51 32.14 -20.93
N HIS B 125 -18.07 30.86 -20.91
CA HIS B 125 -16.68 30.46 -21.16
C HIS B 125 -16.59 29.04 -21.82
N PRO B 126 -15.44 28.65 -22.47
CA PRO B 126 -15.35 27.30 -23.04
C PRO B 126 -15.12 26.22 -21.97
N TYR B 127 -15.07 24.94 -22.37
CA TYR B 127 -14.90 23.81 -21.46
C TYR B 127 -14.07 22.70 -22.09
N LEU B 128 -13.26 22.01 -21.27
CA LEU B 128 -12.44 20.87 -21.65
C LEU B 128 -12.52 19.79 -20.58
N PHE B 129 -12.64 18.53 -21.01
CA PHE B 129 -12.64 17.38 -20.12
C PHE B 129 -12.04 16.18 -20.84
N SER B 130 -11.38 15.29 -20.08
CA SER B 130 -10.73 14.09 -20.57
C SER B 130 -11.48 12.82 -20.19
N GLN B 131 -11.20 11.74 -20.95
CA GLN B 131 -11.72 10.38 -20.79
C GLN B 131 -10.62 9.44 -21.29
N CYS B 132 -9.75 8.97 -20.38
CA CYS B 132 -8.60 8.13 -20.72
C CYS B 132 -8.97 6.67 -20.91
N GLN B 133 -9.64 6.03 -19.93
CA GLN B 133 -10.04 4.62 -20.02
C GLN B 133 -10.78 4.35 -21.35
N ALA B 134 -10.38 3.30 -22.12
CA ALA B 134 -9.37 2.32 -21.74
C ALA B 134 -7.97 2.67 -22.24
N THR B 135 -7.80 2.90 -23.55
CA THR B 135 -6.50 3.15 -24.14
C THR B 135 -6.40 4.54 -24.78
N HIS B 136 -6.91 5.60 -24.12
CA HIS B 136 -6.83 6.93 -24.73
C HIS B 136 -5.78 7.84 -24.04
N CYS B 137 -5.08 7.37 -23.00
CA CYS B 137 -4.06 8.20 -22.35
C CYS B 137 -2.90 8.52 -23.33
N ARG B 138 -2.68 7.62 -24.34
CA ARG B 138 -1.71 7.79 -25.45
C ARG B 138 -1.98 9.07 -26.19
N SER B 139 -3.28 9.41 -26.32
CA SER B 139 -3.73 10.60 -27.06
C SER B 139 -3.41 11.89 -26.31
N ILE B 140 -2.87 11.82 -25.07
CA ILE B 140 -2.48 13.02 -24.32
C ILE B 140 -0.96 13.06 -24.16
N ILE B 141 -0.37 12.01 -23.55
CA ILE B 141 1.07 11.93 -23.26
C ILE B 141 1.68 10.58 -23.69
N PRO B 142 3.00 10.54 -24.05
CA PRO B 142 3.63 9.24 -24.36
C PRO B 142 3.81 8.44 -23.06
N CYS B 143 3.33 7.19 -23.02
CA CYS B 143 3.35 6.36 -21.80
C CYS B 143 3.28 4.87 -22.11
N GLN B 144 3.39 4.05 -21.05
CA GLN B 144 3.16 2.61 -21.10
C GLN B 144 1.66 2.48 -20.83
N ASP B 145 0.83 2.72 -21.87
CA ASP B 145 -0.62 2.77 -21.71
C ASP B 145 -1.22 1.36 -21.57
N THR B 146 -0.85 0.70 -20.45
CA THR B 146 -1.31 -0.61 -20.03
C THR B 146 -1.57 -0.59 -18.52
N PRO B 147 -2.76 -1.07 -18.06
CA PRO B 147 -3.07 -1.02 -16.61
C PRO B 147 -2.11 -1.86 -15.73
N SER B 148 -1.21 -2.63 -16.37
CA SER B 148 -0.18 -3.46 -15.75
C SER B 148 0.92 -2.60 -15.10
N VAL B 149 1.11 -1.35 -15.58
CA VAL B 149 2.11 -0.41 -15.08
C VAL B 149 1.39 0.66 -14.24
N LYS B 150 1.72 0.74 -12.95
CA LYS B 150 1.13 1.71 -12.04
C LYS B 150 2.20 2.67 -11.54
N PHE B 151 1.94 3.97 -11.69
CA PHE B 151 2.88 5.03 -11.34
C PHE B 151 2.21 6.16 -10.56
N THR B 152 3.02 6.88 -9.81
CA THR B 152 2.69 8.06 -9.03
C THR B 152 2.88 9.30 -9.92
N TYR B 153 2.18 10.42 -9.66
CA TYR B 153 2.39 11.60 -10.49
C TYR B 153 2.20 12.92 -9.75
N TYR B 154 2.81 13.96 -10.34
CA TYR B 154 2.72 15.36 -9.95
C TYR B 154 2.52 16.15 -11.22
N SER B 155 1.56 17.08 -11.23
CA SER B 155 1.34 17.88 -12.43
C SER B 155 1.17 19.36 -12.14
N GLN B 156 1.56 20.17 -13.12
CA GLN B 156 1.39 21.63 -13.17
C GLN B 156 0.62 21.91 -14.45
N VAL B 157 -0.51 22.59 -14.36
CA VAL B 157 -1.31 22.87 -15.56
C VAL B 157 -1.59 24.38 -15.65
N SER B 158 -1.24 24.96 -16.82
CA SER B 158 -1.41 26.37 -17.14
C SER B 158 -2.81 26.57 -17.77
N VAL B 159 -3.71 27.30 -17.05
CA VAL B 159 -5.12 27.51 -17.47
C VAL B 159 -5.59 28.99 -17.27
N PRO B 160 -6.62 29.51 -18.01
CA PRO B 160 -7.08 30.90 -17.77
C PRO B 160 -7.63 31.11 -16.34
N LYS B 161 -7.66 32.39 -15.87
CA LYS B 161 -8.07 32.79 -14.52
C LYS B 161 -9.43 32.22 -14.07
N GLU B 162 -10.53 32.54 -14.79
CA GLU B 162 -11.86 32.05 -14.41
C GLU B 162 -12.06 30.56 -14.74
N LEU B 163 -11.32 30.04 -15.74
CA LEU B 163 -11.40 28.63 -16.12
C LEU B 163 -10.55 27.80 -15.16
N MET B 164 -11.17 27.32 -14.05
CA MET B 164 -10.52 26.52 -13.01
C MET B 164 -10.19 25.12 -13.54
N ALA B 165 -9.04 24.57 -13.15
CA ALA B 165 -8.53 23.27 -13.60
C ALA B 165 -8.56 22.24 -12.49
N LEU B 166 -8.91 20.98 -12.79
CA LEU B 166 -8.92 19.88 -11.80
C LEU B 166 -8.35 18.60 -12.38
N MET B 167 -7.64 17.80 -11.56
CA MET B 167 -7.06 16.52 -11.98
C MET B 167 -7.39 15.37 -11.00
N SER B 168 -7.15 14.11 -11.42
CA SER B 168 -7.41 12.93 -10.60
C SER B 168 -6.30 12.79 -9.51
N ALA B 169 -6.19 13.85 -8.71
CA ALA B 169 -5.20 14.02 -7.65
C ALA B 169 -5.66 15.06 -6.63
N LEU B 170 -4.95 15.15 -5.52
CA LEU B 170 -5.25 16.14 -4.49
C LEU B 170 -4.72 17.48 -4.94
N ARG B 171 -5.47 18.56 -4.67
CA ARG B 171 -5.04 19.92 -5.01
C ARG B 171 -3.80 20.26 -4.20
N ASP B 172 -2.79 20.88 -4.82
CA ASP B 172 -1.54 21.22 -4.13
C ASP B 172 -1.21 22.74 -4.23
N GLY B 173 -2.26 23.56 -4.32
CA GLY B 173 -2.17 25.01 -4.37
C GLY B 173 -2.26 25.65 -5.74
N GLU B 174 -2.45 26.98 -5.73
CA GLU B 174 -2.54 27.83 -6.91
C GLU B 174 -1.22 28.61 -7.07
N LEU B 175 -0.84 28.95 -8.33
CA LEU B 175 0.39 29.69 -8.63
C LEU B 175 0.27 30.50 -9.95
N SER B 176 1.32 31.30 -10.28
CA SER B 176 1.42 32.17 -11.45
C SER B 176 2.46 31.69 -12.50
N GLU B 177 2.35 32.20 -13.75
CA GLU B 177 3.25 31.88 -14.87
C GLU B 177 4.18 33.06 -15.25
N GLN B 178 5.15 32.82 -16.16
CA GLN B 178 6.14 33.80 -16.63
C GLN B 178 5.71 34.44 -17.96
N SER B 179 6.18 33.88 -19.11
CA SER B 179 5.84 34.33 -20.47
C SER B 179 4.55 33.66 -20.95
N ASP B 180 3.87 34.25 -21.96
CA ASP B 180 2.57 33.80 -22.52
C ASP B 180 1.55 33.76 -21.36
N SER B 181 1.46 34.90 -20.64
CA SER B 181 0.67 35.16 -19.42
C SER B 181 -0.82 34.78 -19.50
N ASN B 182 -1.38 34.48 -20.69
CA ASN B 182 -2.79 34.09 -20.86
C ASN B 182 -3.04 32.65 -20.33
N ARG B 183 -2.69 32.42 -19.04
CA ARG B 183 -2.76 31.17 -18.27
C ARG B 183 -2.55 31.44 -16.76
N LYS B 184 -2.69 30.40 -15.91
CA LYS B 184 -2.53 30.39 -14.44
C LYS B 184 -2.28 28.95 -13.99
N ILE B 185 -1.28 28.75 -13.10
CA ILE B 185 -0.89 27.42 -12.62
C ILE B 185 -1.74 26.93 -11.43
N TYR B 186 -2.28 25.70 -11.59
CA TYR B 186 -3.02 24.91 -10.60
C TYR B 186 -2.22 23.62 -10.47
N ARG B 187 -1.56 23.38 -9.33
CA ARG B 187 -0.73 22.17 -9.18
C ARG B 187 -1.45 21.05 -8.38
N PHE B 188 -1.15 19.79 -8.72
CA PHE B 188 -1.75 18.60 -8.12
C PHE B 188 -0.70 17.51 -7.79
N LYS B 189 -0.99 16.68 -6.77
CA LYS B 189 -0.15 15.56 -6.35
C LYS B 189 -0.95 14.25 -6.14
N GLN B 190 -0.51 13.18 -6.84
CA GLN B 190 -1.06 11.84 -6.77
C GLN B 190 0.06 10.89 -6.33
N ASN B 191 0.10 10.63 -5.01
CA ASN B 191 1.11 9.85 -4.31
C ASN B 191 0.78 8.36 -4.21
N VAL B 192 -0.40 7.97 -4.72
CA VAL B 192 -0.81 6.58 -4.77
C VAL B 192 -0.56 6.12 -6.21
N PRO B 193 0.20 5.01 -6.44
CA PRO B 193 0.42 4.56 -7.83
C PRO B 193 -0.88 4.23 -8.53
N ILE B 194 -1.03 4.80 -9.72
CA ILE B 194 -2.23 4.67 -10.56
C ILE B 194 -1.87 4.22 -11.98
N PRO B 195 -2.74 3.46 -12.66
CA PRO B 195 -2.47 3.12 -14.07
C PRO B 195 -2.78 4.35 -14.93
N SER B 196 -2.22 4.38 -16.14
CA SER B 196 -2.37 5.46 -17.12
C SER B 196 -3.84 5.83 -17.45
N TYR B 197 -4.78 4.86 -17.40
CA TYR B 197 -6.19 5.12 -17.73
C TYR B 197 -6.90 5.96 -16.66
N LEU B 198 -6.28 6.10 -15.47
CA LEU B 198 -6.85 6.83 -14.36
C LEU B 198 -6.37 8.31 -14.25
N ILE B 199 -5.53 8.81 -15.20
CA ILE B 199 -5.15 10.23 -15.17
C ILE B 199 -6.34 11.03 -15.75
N ALA B 200 -6.73 12.16 -15.12
CA ALA B 200 -7.87 12.95 -15.59
C ALA B 200 -7.59 14.44 -15.57
N LEU B 201 -8.32 15.21 -16.42
CA LEU B 201 -8.20 16.67 -16.48
C LEU B 201 -9.50 17.32 -16.94
N VAL B 202 -9.94 18.35 -16.19
CA VAL B 202 -11.11 19.20 -16.50
C VAL B 202 -10.66 20.65 -16.36
N VAL B 203 -10.97 21.49 -17.38
CA VAL B 203 -10.69 22.92 -17.41
C VAL B 203 -11.97 23.66 -17.91
N GLY B 204 -12.56 24.46 -17.04
CA GLY B 204 -13.76 25.23 -17.37
C GLY B 204 -14.20 26.15 -16.25
N ALA B 205 -15.35 26.82 -16.45
CA ALA B 205 -15.93 27.72 -15.44
C ALA B 205 -16.62 26.88 -14.37
N LEU B 206 -15.83 26.42 -13.37
CA LEU B 206 -16.33 25.52 -12.33
C LEU B 206 -16.47 26.19 -10.97
N GLU B 207 -17.47 25.73 -10.22
CA GLU B 207 -17.78 26.14 -8.85
C GLU B 207 -18.02 24.87 -8.01
N GLY B 208 -17.69 24.92 -6.73
CA GLY B 208 -17.85 23.79 -5.82
C GLY B 208 -18.62 24.07 -4.54
N ARG B 209 -19.08 23.00 -3.86
CA ARG B 209 -19.81 23.08 -2.57
C ARG B 209 -19.55 21.84 -1.73
N LYS B 210 -19.20 22.05 -0.44
CA LYS B 210 -18.93 20.99 0.54
C LYS B 210 -20.25 20.33 0.95
N VAL B 211 -20.29 18.99 0.86
CA VAL B 211 -21.44 18.16 1.22
C VAL B 211 -20.95 17.05 2.20
N GLY B 212 -19.65 17.08 2.50
CA GLY B 212 -18.99 16.15 3.40
C GLY B 212 -17.55 16.51 3.69
N PRO B 213 -16.93 15.91 4.72
CA PRO B 213 -15.54 16.27 5.09
C PRO B 213 -14.48 16.02 4.02
N ARG B 214 -14.71 15.07 3.11
CA ARG B 214 -13.75 14.75 2.05
C ARG B 214 -14.41 14.82 0.68
N THR B 215 -15.59 15.49 0.61
CA THR B 215 -16.38 15.58 -0.61
C THR B 215 -16.84 17.01 -0.90
N THR B 216 -16.54 17.49 -2.12
CA THR B 216 -16.98 18.78 -2.66
C THR B 216 -17.48 18.53 -4.08
N ILE B 217 -18.73 18.87 -4.36
CA ILE B 217 -19.32 18.68 -5.69
C ILE B 217 -18.93 19.86 -6.58
N TRP B 218 -18.30 19.58 -7.73
CA TRP B 218 -17.86 20.55 -8.73
C TRP B 218 -18.73 20.50 -9.97
N THR B 219 -19.30 21.66 -10.35
CA THR B 219 -20.17 21.86 -11.53
C THR B 219 -20.24 23.33 -11.91
N GLU B 220 -20.98 23.65 -13.00
CA GLU B 220 -21.25 25.03 -13.39
C GLU B 220 -22.39 25.49 -12.47
N LYS B 221 -22.38 26.78 -12.07
CA LYS B 221 -23.36 27.44 -11.20
C LYS B 221 -24.81 26.97 -11.48
N GLU B 222 -25.18 26.85 -12.77
CA GLU B 222 -26.51 26.44 -13.23
C GLU B 222 -26.85 24.97 -12.86
N LEU B 223 -25.83 24.09 -12.80
CA LEU B 223 -26.02 22.68 -12.45
C LEU B 223 -25.65 22.37 -10.99
N LEU B 224 -25.09 23.35 -10.26
CA LEU B 224 -24.63 23.19 -8.88
C LEU B 224 -25.77 22.86 -7.88
N GLU B 225 -26.80 23.73 -7.80
CA GLU B 225 -27.95 23.58 -6.90
C GLU B 225 -28.58 22.16 -7.06
N PRO B 226 -28.93 21.64 -8.27
CA PRO B 226 -29.51 20.28 -8.33
C PRO B 226 -28.50 19.14 -8.12
N SER B 227 -27.18 19.39 -8.25
CA SER B 227 -26.18 18.35 -8.07
C SER B 227 -25.96 18.03 -6.60
N VAL B 228 -26.03 19.07 -5.71
CA VAL B 228 -25.84 18.89 -4.27
C VAL B 228 -27.01 18.11 -3.65
N TYR B 229 -28.27 18.29 -4.17
CA TYR B 229 -29.43 17.54 -3.68
C TYR B 229 -29.33 16.07 -4.10
N GLU B 230 -29.04 15.83 -5.40
CA GLU B 230 -28.92 14.51 -6.01
C GLU B 230 -27.81 13.66 -5.40
N PHE B 231 -26.68 14.29 -4.99
CA PHE B 231 -25.54 13.56 -4.43
C PHE B 231 -25.22 14.02 -3.01
N ALA B 232 -26.27 14.29 -2.20
CA ALA B 232 -26.15 14.72 -0.80
C ALA B 232 -25.64 13.60 0.12
N GLU B 233 -25.95 12.34 -0.22
CA GLU B 233 -25.64 11.15 0.55
C GLU B 233 -24.29 10.48 0.15
N THR B 234 -23.34 11.24 -0.47
CA THR B 234 -22.02 10.75 -0.92
C THR B 234 -21.18 10.20 0.25
N GLU B 235 -21.09 10.95 1.38
CA GLU B 235 -20.34 10.55 2.59
C GLU B 235 -20.88 9.24 3.16
N LYS B 236 -22.22 9.13 3.28
CA LYS B 236 -22.94 7.95 3.75
C LYS B 236 -22.55 6.75 2.88
N MET B 237 -22.50 6.95 1.56
CA MET B 237 -22.10 5.90 0.62
C MET B 237 -20.63 5.55 0.77
N LEU B 238 -19.79 6.57 1.00
CA LEU B 238 -18.35 6.41 1.18
C LEU B 238 -18.07 5.61 2.47
N LYS B 239 -18.77 5.96 3.58
CA LYS B 239 -18.67 5.30 4.88
C LYS B 239 -19.13 3.83 4.78
N TYR B 240 -20.30 3.58 4.12
CA TYR B 240 -20.89 2.26 3.91
C TYR B 240 -19.93 1.35 3.13
N ALA B 241 -19.21 1.94 2.15
CA ALA B 241 -18.20 1.27 1.34
C ALA B 241 -16.98 0.90 2.19
N GLU B 242 -16.53 1.83 3.09
CA GLU B 242 -15.38 1.61 3.97
C GLU B 242 -15.62 0.48 4.95
N ASP B 243 -16.87 0.33 5.43
CA ASP B 243 -17.32 -0.72 6.33
C ASP B 243 -17.17 -2.09 5.66
N LEU B 244 -17.40 -2.12 4.34
CA LEU B 244 -17.35 -3.31 3.48
C LEU B 244 -15.94 -3.62 2.97
N ALA B 245 -15.23 -2.63 2.41
CA ALA B 245 -13.95 -2.87 1.74
C ALA B 245 -12.68 -2.59 2.57
N GLY B 246 -12.81 -1.72 3.57
CA GLY B 246 -11.68 -1.32 4.41
C GLY B 246 -11.39 0.17 4.25
N PRO B 247 -10.25 0.68 4.76
CA PRO B 247 -10.00 2.14 4.68
C PRO B 247 -9.84 2.72 3.27
N TYR B 248 -10.30 3.99 3.13
CA TYR B 248 -10.18 4.79 1.92
C TYR B 248 -8.80 5.46 1.98
N VAL B 249 -7.91 5.11 1.05
CA VAL B 249 -6.50 5.54 1.06
C VAL B 249 -6.22 6.78 0.19
N TRP B 250 -7.20 7.25 -0.58
CA TRP B 250 -7.04 8.32 -1.55
C TRP B 250 -7.21 9.74 -0.97
N GLY B 251 -7.49 9.83 0.32
CA GLY B 251 -7.65 11.09 1.03
C GLY B 251 -8.95 11.82 0.80
N GLN B 252 -9.28 12.13 -0.46
CA GLN B 252 -10.51 12.85 -0.74
C GLN B 252 -11.33 12.17 -1.83
N TYR B 253 -12.63 12.44 -1.81
CA TYR B 253 -13.56 11.91 -2.78
C TYR B 253 -14.43 13.05 -3.30
N ASP B 254 -14.02 13.66 -4.42
CA ASP B 254 -14.79 14.76 -5.01
C ASP B 254 -15.61 14.25 -6.18
N LEU B 255 -16.63 15.02 -6.57
CA LEU B 255 -17.47 14.69 -7.72
C LEU B 255 -17.48 15.84 -8.71
N LEU B 256 -17.54 15.52 -10.00
CA LEU B 256 -17.61 16.53 -11.04
C LEU B 256 -18.70 16.16 -12.03
N ILE B 257 -19.69 17.06 -12.23
CA ILE B 257 -20.78 16.83 -13.15
C ILE B 257 -20.46 17.57 -14.47
N LEU B 258 -20.26 16.77 -15.51
CA LEU B 258 -19.81 17.15 -16.85
C LEU B 258 -20.92 17.67 -17.77
N PRO B 259 -20.57 18.22 -18.96
CA PRO B 259 -21.62 18.59 -19.92
C PRO B 259 -22.33 17.33 -20.42
N PRO B 260 -23.53 17.41 -21.06
CA PRO B 260 -24.22 16.17 -21.47
C PRO B 260 -23.45 15.29 -22.47
N SER B 261 -22.37 15.82 -23.07
CA SER B 261 -21.54 15.10 -24.05
C SER B 261 -20.60 14.04 -23.42
N PHE B 262 -20.51 13.95 -22.06
CA PHE B 262 -19.66 12.94 -21.38
C PHE B 262 -20.10 11.54 -21.85
N PRO B 263 -19.16 10.71 -22.41
CA PRO B 263 -19.55 9.44 -23.03
C PRO B 263 -20.01 8.33 -22.08
N TYR B 264 -19.88 8.51 -20.75
CA TYR B 264 -20.27 7.49 -19.79
C TYR B 264 -21.17 8.11 -18.70
N GLY B 265 -21.64 7.28 -17.78
CA GLY B 265 -22.48 7.71 -16.67
C GLY B 265 -21.66 8.11 -15.47
N GLY B 266 -20.57 7.36 -15.26
CA GLY B 266 -19.60 7.56 -14.20
C GLY B 266 -18.20 7.11 -14.59
N MET B 267 -17.18 7.78 -14.04
CA MET B 267 -15.76 7.49 -14.26
C MET B 267 -15.03 7.73 -12.92
N GLU B 268 -14.50 6.63 -12.36
CA GLU B 268 -13.85 6.51 -11.06
C GLU B 268 -12.48 7.20 -10.90
N ASN B 269 -12.20 8.28 -11.68
CA ASN B 269 -10.90 8.95 -11.58
C ASN B 269 -10.55 9.22 -10.11
N PRO B 270 -9.36 8.74 -9.64
CA PRO B 270 -9.03 8.89 -8.20
C PRO B 270 -9.15 10.32 -7.71
N CYS B 271 -9.79 10.51 -6.53
CA CYS B 271 -10.06 11.79 -5.85
C CYS B 271 -11.14 12.64 -6.57
N LEU B 272 -11.45 12.37 -7.86
CA LEU B 272 -12.44 13.16 -8.59
C LEU B 272 -13.27 12.28 -9.55
N THR B 273 -14.40 11.77 -9.04
CA THR B 273 -15.32 10.96 -9.86
C THR B 273 -16.02 11.88 -10.86
N PHE B 274 -16.07 11.44 -12.13
CA PHE B 274 -16.73 12.14 -13.23
C PHE B 274 -18.17 11.60 -13.37
N VAL B 275 -19.19 12.46 -13.28
CA VAL B 275 -20.59 12.01 -13.35
C VAL B 275 -21.34 12.73 -14.48
N THR B 276 -22.22 12.00 -15.17
CA THR B 276 -23.07 12.52 -16.26
C THR B 276 -24.23 13.39 -15.70
N PRO B 277 -24.71 14.44 -16.40
CA PRO B 277 -25.89 15.16 -15.87
C PRO B 277 -27.20 14.40 -16.14
N THR B 278 -27.12 13.28 -16.90
CA THR B 278 -28.27 12.43 -17.25
C THR B 278 -28.80 11.64 -16.02
N VAL B 279 -28.03 11.56 -14.92
CA VAL B 279 -28.48 10.86 -13.70
C VAL B 279 -29.29 11.82 -12.79
N LEU B 280 -29.29 13.13 -13.09
CA LEU B 280 -30.00 14.15 -12.32
C LEU B 280 -31.51 14.07 -12.63
N ALA B 281 -32.18 13.09 -11.99
CA ALA B 281 -33.62 12.81 -12.14
C ALA B 281 -34.46 13.46 -11.01
N GLY B 282 -33.78 14.14 -10.09
CA GLY B 282 -34.39 14.85 -8.97
C GLY B 282 -34.97 14.01 -7.85
N ASP B 283 -34.69 12.70 -7.83
CA ASP B 283 -35.22 11.78 -6.82
C ASP B 283 -34.15 10.79 -6.30
N ARG B 284 -32.90 10.91 -6.80
CA ARG B 284 -31.73 10.08 -6.44
C ARG B 284 -31.96 8.58 -6.79
N SER B 285 -32.85 8.32 -7.77
CA SER B 285 -33.18 6.97 -8.25
C SER B 285 -32.05 6.38 -9.10
N LEU B 286 -31.19 7.25 -9.67
CA LEU B 286 -30.06 6.85 -10.52
C LEU B 286 -28.72 7.21 -9.85
N ALA B 287 -28.75 7.43 -8.52
CA ALA B 287 -27.61 7.81 -7.67
C ALA B 287 -26.75 6.60 -7.22
N SER B 288 -27.07 5.36 -7.64
CA SER B 288 -26.28 4.17 -7.31
C SER B 288 -24.94 4.20 -8.08
N VAL B 289 -24.86 5.10 -9.09
CA VAL B 289 -23.69 5.38 -9.92
C VAL B 289 -22.56 5.87 -8.97
N ILE B 290 -22.91 6.60 -7.90
CA ILE B 290 -21.94 7.09 -6.91
C ILE B 290 -21.39 5.91 -6.10
N ALA B 291 -22.27 4.98 -5.65
CA ALA B 291 -21.90 3.79 -4.87
C ALA B 291 -20.96 2.88 -5.65
N HIS B 292 -21.07 2.92 -6.99
CA HIS B 292 -20.29 2.11 -7.94
C HIS B 292 -18.90 2.68 -8.11
N GLU B 293 -18.78 3.99 -8.41
CA GLU B 293 -17.47 4.64 -8.59
C GLU B 293 -16.69 4.70 -7.27
N ILE B 294 -17.42 4.78 -6.12
CA ILE B 294 -16.80 4.73 -4.79
C ILE B 294 -16.13 3.36 -4.64
N SER B 295 -16.83 2.30 -5.06
CA SER B 295 -16.37 0.93 -4.96
C SER B 295 -15.12 0.66 -5.78
N HIS B 296 -14.92 1.41 -6.89
CA HIS B 296 -13.74 1.29 -7.74
C HIS B 296 -12.46 1.74 -7.02
N SER B 297 -12.60 2.60 -5.98
CA SER B 297 -11.51 3.11 -5.14
C SER B 297 -10.72 1.94 -4.56
N TRP B 298 -11.36 0.75 -4.51
CA TRP B 298 -10.76 -0.52 -4.08
C TRP B 298 -10.52 -1.42 -5.32
N THR B 299 -11.58 -2.01 -5.87
CA THR B 299 -11.51 -2.92 -7.04
C THR B 299 -11.45 -2.10 -8.35
N GLY B 300 -10.24 -1.81 -8.82
CA GLY B 300 -9.98 -1.02 -10.02
C GLY B 300 -8.82 -0.08 -9.83
N ASN B 301 -8.96 0.87 -8.91
CA ASN B 301 -7.91 1.85 -8.63
C ASN B 301 -6.84 1.24 -7.75
N LEU B 302 -7.24 0.67 -6.58
CA LEU B 302 -6.31 0.06 -5.62
C LEU B 302 -5.83 -1.32 -6.14
N VAL B 303 -6.78 -2.17 -6.57
CA VAL B 303 -6.47 -3.47 -7.17
C VAL B 303 -6.89 -3.34 -8.65
N THR B 304 -5.91 -3.28 -9.57
CA THR B 304 -6.14 -3.03 -11.01
C THR B 304 -6.08 -4.32 -11.86
N ASN B 305 -6.86 -4.35 -12.97
CA ASN B 305 -6.85 -5.46 -13.93
C ASN B 305 -5.53 -5.40 -14.67
N GLU B 306 -4.83 -6.54 -14.81
CA GLU B 306 -3.51 -6.61 -15.47
C GLU B 306 -3.59 -6.08 -16.92
N THR B 307 -4.63 -6.53 -17.66
CA THR B 307 -4.92 -6.17 -19.04
C THR B 307 -6.45 -5.97 -19.16
N TRP B 308 -6.93 -5.55 -20.35
CA TRP B 308 -8.36 -5.37 -20.60
C TRP B 308 -9.05 -6.72 -20.86
N GLU B 309 -8.27 -7.80 -20.99
CA GLU B 309 -8.81 -9.16 -21.11
C GLU B 309 -9.37 -9.57 -19.74
N ASN B 310 -8.73 -9.05 -18.66
CA ASN B 310 -9.07 -9.27 -17.25
C ASN B 310 -9.97 -8.17 -16.66
N PHE B 311 -10.62 -7.36 -17.52
CA PHE B 311 -11.50 -6.23 -17.18
C PHE B 311 -12.67 -6.61 -16.24
N TRP B 312 -13.11 -7.88 -16.21
CA TRP B 312 -14.20 -8.32 -15.33
C TRP B 312 -13.80 -8.24 -13.83
N LEU B 313 -12.50 -8.37 -13.52
CA LEU B 313 -12.02 -8.28 -12.14
C LEU B 313 -12.30 -6.88 -11.61
N ASN B 314 -12.20 -5.88 -12.49
CA ASN B 314 -12.46 -4.49 -12.18
C ASN B 314 -13.94 -4.22 -12.10
N GLU B 315 -14.69 -4.49 -13.18
CA GLU B 315 -16.12 -4.17 -13.19
C GLU B 315 -17.03 -5.16 -12.47
N GLY B 316 -16.75 -6.46 -12.51
CA GLY B 316 -17.57 -7.47 -11.82
C GLY B 316 -17.57 -7.33 -10.31
N HIS B 317 -16.37 -7.10 -9.71
CA HIS B 317 -16.21 -6.91 -8.28
C HIS B 317 -16.84 -5.58 -7.81
N THR B 318 -16.73 -4.52 -8.64
CA THR B 318 -17.26 -3.17 -8.37
C THR B 318 -18.78 -3.20 -8.42
N VAL B 319 -19.35 -3.98 -9.36
CA VAL B 319 -20.81 -4.15 -9.46
C VAL B 319 -21.28 -4.92 -8.21
N TYR B 320 -20.49 -5.92 -7.75
CA TYR B 320 -20.82 -6.68 -6.55
C TYR B 320 -20.82 -5.77 -5.29
N LEU B 321 -19.75 -4.98 -5.08
CA LEU B 321 -19.62 -4.04 -3.96
C LEU B 321 -20.73 -2.99 -3.93
N GLU B 322 -21.06 -2.42 -5.12
CA GLU B 322 -22.12 -1.41 -5.36
C GLU B 322 -23.47 -1.96 -4.94
N ARG B 323 -23.75 -3.23 -5.27
CA ARG B 323 -25.01 -3.86 -4.90
C ARG B 323 -25.04 -4.26 -3.41
N ARG B 324 -23.87 -4.41 -2.75
CA ARG B 324 -23.84 -4.67 -1.32
C ARG B 324 -24.18 -3.38 -0.55
N ILE B 325 -23.74 -2.22 -1.08
CA ILE B 325 -24.04 -0.89 -0.53
C ILE B 325 -25.55 -0.60 -0.69
N ASP B 326 -26.13 -0.80 -1.90
CA ASP B 326 -27.55 -0.58 -2.18
C ASP B 326 -28.44 -1.48 -1.30
N GLY B 327 -27.94 -2.70 -1.02
CA GLY B 327 -28.57 -3.66 -0.12
C GLY B 327 -28.60 -3.17 1.32
N ARG B 328 -27.64 -2.34 1.72
CA ARG B 328 -27.62 -1.80 3.09
C ARG B 328 -28.54 -0.58 3.18
N LEU B 329 -28.56 0.27 2.13
CA LEU B 329 -29.40 1.46 2.08
C LEU B 329 -30.89 1.15 1.87
N TYR B 330 -31.21 0.21 0.93
CA TYR B 330 -32.61 -0.06 0.55
C TYR B 330 -33.10 -1.49 0.86
N GLY B 331 -32.26 -2.32 1.49
CA GLY B 331 -32.64 -3.66 1.91
C GLY B 331 -32.21 -4.79 0.97
N GLU B 332 -32.09 -6.00 1.55
CA GLU B 332 -31.71 -7.24 0.88
C GLU B 332 -32.65 -7.58 -0.30
N GLU B 333 -33.94 -7.21 -0.19
CA GLU B 333 -34.96 -7.43 -1.23
CA GLU B 333 -34.95 -7.43 -1.23
C GLU B 333 -34.59 -6.67 -2.51
N PHE B 334 -34.10 -5.42 -2.35
CA PHE B 334 -33.70 -4.52 -3.43
C PHE B 334 -32.39 -5.01 -4.07
N ARG B 335 -31.47 -5.50 -3.23
CA ARG B 335 -30.20 -6.05 -3.65
C ARG B 335 -30.43 -7.22 -4.62
N GLN B 336 -31.34 -8.14 -4.23
CA GLN B 336 -31.72 -9.32 -4.98
C GLN B 336 -32.35 -8.93 -6.32
N PHE B 337 -33.13 -7.83 -6.32
CA PHE B 337 -33.80 -7.31 -7.50
C PHE B 337 -32.81 -6.70 -8.50
N LYS B 338 -31.80 -5.96 -8.00
CA LYS B 338 -30.76 -5.39 -8.86
C LYS B 338 -29.91 -6.49 -9.47
N ALA B 339 -29.72 -7.59 -8.74
CA ALA B 339 -29.01 -8.75 -9.22
C ALA B 339 -29.79 -9.40 -10.39
N LEU B 340 -31.12 -9.56 -10.23
CA LEU B 340 -32.00 -10.16 -11.23
C LEU B 340 -32.08 -9.27 -12.49
N GLY B 341 -32.09 -7.95 -12.27
CA GLY B 341 -32.09 -6.95 -13.35
C GLY B 341 -30.78 -6.98 -14.12
N GLY B 342 -29.71 -7.38 -13.43
CA GLY B 342 -28.38 -7.53 -14.01
C GLY B 342 -28.34 -8.67 -15.01
N TRP B 343 -28.96 -9.81 -14.65
CA TRP B 343 -29.08 -10.96 -15.52
C TRP B 343 -29.77 -10.57 -16.85
N LYS B 344 -30.82 -9.73 -16.76
CA LYS B 344 -31.56 -9.24 -17.92
C LYS B 344 -30.70 -8.30 -18.78
N GLU B 345 -29.83 -7.48 -18.16
CA GLU B 345 -28.91 -6.60 -18.89
C GLU B 345 -27.84 -7.44 -19.63
N LEU B 346 -27.36 -8.54 -19.01
CA LEU B 346 -26.39 -9.40 -19.66
C LEU B 346 -27.00 -10.04 -20.90
N GLN B 347 -28.22 -10.61 -20.80
CA GLN B 347 -28.89 -11.24 -21.93
C GLN B 347 -29.13 -10.26 -23.10
N ASN B 348 -29.19 -8.95 -22.80
CA ASN B 348 -29.32 -7.89 -23.80
C ASN B 348 -28.01 -7.72 -24.58
N SER B 349 -26.85 -7.79 -23.88
CA SER B 349 -25.52 -7.66 -24.49
C SER B 349 -25.17 -8.90 -25.32
N VAL B 350 -25.49 -10.10 -24.80
CA VAL B 350 -25.27 -11.37 -25.48
C VAL B 350 -26.14 -11.40 -26.75
N ASN B 351 -27.35 -10.83 -26.70
CA ASN B 351 -28.27 -10.72 -27.83
C ASN B 351 -27.66 -9.83 -28.93
N THR B 352 -27.01 -8.74 -28.53
CA THR B 352 -26.43 -7.73 -29.42
C THR B 352 -25.13 -8.23 -30.08
N PHE B 353 -24.19 -8.78 -29.30
CA PHE B 353 -22.89 -9.25 -29.79
C PHE B 353 -22.96 -10.62 -30.48
N GLY B 354 -23.89 -11.46 -30.03
CA GLY B 354 -24.07 -12.82 -30.53
C GLY B 354 -23.75 -13.83 -29.44
N ALA B 355 -24.66 -14.80 -29.23
CA ALA B 355 -24.56 -15.86 -28.23
C ALA B 355 -23.32 -16.74 -28.41
N THR B 356 -22.72 -16.66 -29.61
CA THR B 356 -21.55 -17.40 -30.03
C THR B 356 -20.28 -16.53 -30.16
N ASN B 357 -20.40 -15.18 -30.04
CA ASN B 357 -19.27 -14.25 -30.16
C ASN B 357 -18.21 -14.47 -29.08
N PRO B 358 -16.93 -14.74 -29.44
CA PRO B 358 -15.88 -14.94 -28.42
C PRO B 358 -15.64 -13.70 -27.55
N LEU B 359 -16.16 -12.54 -27.98
CA LEU B 359 -16.10 -11.29 -27.23
C LEU B 359 -16.98 -11.39 -25.97
N THR B 360 -17.96 -12.34 -25.96
CA THR B 360 -18.89 -12.56 -24.83
C THR B 360 -18.30 -13.52 -23.78
N ASN B 361 -17.04 -13.98 -23.96
CA ASN B 361 -16.33 -14.77 -22.93
C ASN B 361 -16.02 -13.83 -21.82
N LEU B 362 -16.00 -14.31 -20.57
CA LEU B 362 -15.66 -13.50 -19.40
C LEU B 362 -14.25 -12.96 -19.51
N VAL B 363 -13.31 -13.81 -19.97
CA VAL B 363 -11.91 -13.42 -20.21
C VAL B 363 -11.73 -13.50 -21.73
N PRO B 364 -12.07 -12.42 -22.49
CA PRO B 364 -11.99 -12.52 -23.95
C PRO B 364 -10.58 -12.33 -24.53
N ASN B 365 -10.40 -12.80 -25.77
CA ASN B 365 -9.17 -12.61 -26.51
C ASN B 365 -9.29 -11.26 -27.23
N LEU B 366 -8.41 -10.31 -26.86
CA LEU B 366 -8.49 -8.98 -27.45
C LEU B 366 -7.33 -8.71 -28.42
N HIS B 367 -6.69 -9.78 -28.94
CA HIS B 367 -5.63 -9.63 -29.94
C HIS B 367 -6.26 -9.03 -31.19
N GLU B 368 -5.74 -7.87 -31.62
CA GLU B 368 -6.20 -7.08 -32.78
C GLU B 368 -7.69 -6.70 -32.63
N VAL B 369 -8.10 -6.28 -31.40
CA VAL B 369 -9.48 -5.87 -31.10
C VAL B 369 -9.51 -4.47 -30.48
N ASP B 370 -10.31 -3.55 -31.09
CA ASP B 370 -10.53 -2.18 -30.62
C ASP B 370 -11.39 -2.27 -29.35
N VAL B 371 -10.80 -1.96 -28.18
CA VAL B 371 -11.42 -2.08 -26.86
C VAL B 371 -12.71 -1.23 -26.72
N ASP B 372 -12.76 -0.04 -27.33
CA ASP B 372 -13.94 0.85 -27.26
C ASP B 372 -15.12 0.24 -28.02
N ALA B 373 -14.83 -0.47 -29.13
CA ALA B 373 -15.82 -1.15 -29.97
C ALA B 373 -16.17 -2.53 -29.39
N ALA B 374 -15.40 -3.00 -28.38
CA ALA B 374 -15.56 -4.28 -27.71
C ALA B 374 -16.29 -4.18 -26.35
N PHE B 375 -16.63 -2.95 -25.91
CA PHE B 375 -17.30 -2.66 -24.63
C PHE B 375 -18.72 -3.26 -24.59
N SER B 376 -19.06 -3.93 -23.47
CA SER B 376 -20.35 -4.60 -23.23
C SER B 376 -20.63 -4.75 -21.72
N SER B 377 -21.83 -5.27 -21.38
CA SER B 377 -22.26 -5.53 -20.01
C SER B 377 -21.76 -6.91 -19.53
N VAL B 378 -21.09 -7.68 -20.40
CA VAL B 378 -20.54 -9.00 -20.09
C VAL B 378 -19.54 -8.91 -18.90
N PRO B 379 -18.45 -8.09 -18.90
CA PRO B 379 -17.55 -8.07 -17.72
C PRO B 379 -18.25 -7.65 -16.44
N TYR B 380 -19.24 -6.76 -16.56
CA TYR B 380 -20.10 -6.26 -15.49
C TYR B 380 -21.00 -7.36 -14.90
N GLU B 381 -21.83 -7.96 -15.76
CA GLU B 381 -22.89 -8.87 -15.32
C GLU B 381 -22.52 -10.35 -15.31
N LYS B 382 -21.77 -10.87 -16.27
CA LYS B 382 -21.35 -12.28 -16.18
C LYS B 382 -20.36 -12.38 -15.01
N GLY B 383 -19.59 -11.30 -14.81
CA GLY B 383 -18.65 -11.16 -13.70
C GLY B 383 -19.39 -11.13 -12.38
N PHE B 384 -20.36 -10.20 -12.23
CA PHE B 384 -21.17 -10.11 -11.02
C PHE B 384 -21.85 -11.45 -10.69
N ALA B 385 -22.51 -12.06 -11.72
CA ALA B 385 -23.24 -13.33 -11.61
C ALA B 385 -22.36 -14.43 -11.04
N LEU B 386 -21.08 -14.46 -11.44
CA LEU B 386 -20.12 -15.46 -10.97
C LEU B 386 -19.87 -15.25 -9.49
N LEU B 387 -19.69 -13.99 -9.06
CA LEU B 387 -19.42 -13.65 -7.67
C LEU B 387 -20.65 -13.86 -6.79
N PHE B 388 -21.83 -13.62 -7.33
CA PHE B 388 -23.08 -13.80 -6.62
C PHE B 388 -23.43 -15.30 -6.54
N TYR B 389 -23.09 -16.08 -7.59
CA TYR B 389 -23.28 -17.53 -7.58
C TYR B 389 -22.29 -18.18 -6.56
N LEU B 390 -21.03 -17.68 -6.50
CA LEU B 390 -20.01 -18.16 -5.55
C LEU B 390 -20.46 -17.89 -4.11
N GLU B 391 -21.02 -16.69 -3.85
CA GLU B 391 -21.55 -16.24 -2.56
C GLU B 391 -22.59 -17.25 -2.01
N GLN B 392 -23.55 -17.66 -2.85
CA GLN B 392 -24.62 -18.62 -2.49
C GLN B 392 -24.05 -20.02 -2.23
N LEU B 393 -23.03 -20.40 -3.01
CA LEU B 393 -22.33 -21.68 -2.92
C LEU B 393 -21.42 -21.79 -1.70
N LEU B 394 -20.82 -20.67 -1.25
CA LEU B 394 -19.78 -20.73 -0.19
C LEU B 394 -20.25 -20.32 1.23
N GLY B 395 -21.54 -20.05 1.41
CA GLY B 395 -22.04 -19.75 2.76
C GLY B 395 -22.71 -18.42 3.05
N GLY B 396 -22.99 -17.63 2.01
CA GLY B 396 -23.66 -16.34 2.18
C GLY B 396 -22.82 -15.09 1.96
N PRO B 397 -23.44 -13.88 2.10
CA PRO B 397 -22.71 -12.62 1.85
C PRO B 397 -21.63 -12.32 2.87
N GLU B 398 -21.87 -12.61 4.15
CA GLU B 398 -20.94 -12.38 5.26
C GLU B 398 -19.64 -13.15 5.04
N ILE B 399 -19.74 -14.44 4.64
CA ILE B 399 -18.60 -15.31 4.37
C ILE B 399 -17.86 -14.81 3.11
N PHE B 400 -18.62 -14.48 2.02
CA PHE B 400 -18.00 -14.02 0.76
C PHE B 400 -17.33 -12.64 0.91
N LEU B 401 -17.85 -11.76 1.80
CA LEU B 401 -17.26 -10.45 2.06
C LEU B 401 -15.84 -10.58 2.66
N GLY B 402 -15.65 -11.57 3.54
CA GLY B 402 -14.35 -11.87 4.16
C GLY B 402 -13.31 -12.13 3.10
N PHE B 403 -13.68 -12.90 2.05
CA PHE B 403 -12.83 -13.18 0.91
C PHE B 403 -12.48 -11.88 0.16
N LEU B 404 -13.48 -11.05 -0.15
CA LEU B 404 -13.29 -9.83 -0.91
C LEU B 404 -12.37 -8.88 -0.20
N LYS B 405 -12.50 -8.79 1.15
CA LYS B 405 -11.66 -7.95 2.02
C LYS B 405 -10.21 -8.41 1.95
N SER B 406 -9.96 -9.72 2.08
CA SER B 406 -8.60 -10.28 2.04
C SER B 406 -8.00 -10.15 0.65
N TYR B 407 -8.84 -10.23 -0.41
CA TYR B 407 -8.46 -10.12 -1.82
C TYR B 407 -7.93 -8.69 -2.09
N ILE B 408 -8.69 -7.66 -1.63
CA ILE B 408 -8.32 -6.24 -1.74
C ILE B 408 -6.97 -5.98 -1.03
N GLN B 409 -6.80 -6.50 0.21
CA GLN B 409 -5.59 -6.37 1.01
C GLN B 409 -4.41 -7.10 0.37
N MET B 410 -4.66 -8.33 -0.14
CA MET B 410 -3.63 -9.14 -0.78
C MET B 410 -2.99 -8.41 -1.99
N PHE B 411 -3.82 -7.83 -2.87
CA PHE B 411 -3.32 -7.24 -4.11
C PHE B 411 -3.34 -5.70 -4.17
N ALA B 412 -3.51 -5.00 -3.02
CA ALA B 412 -3.54 -3.52 -2.96
C ALA B 412 -2.28 -2.91 -3.56
N PHE B 413 -2.46 -1.88 -4.40
CA PHE B 413 -1.45 -1.10 -5.14
C PHE B 413 -0.79 -1.94 -6.27
N LYS B 414 -1.33 -3.13 -6.56
CA LYS B 414 -0.82 -4.01 -7.62
C LYS B 414 -1.88 -4.27 -8.69
N SER B 415 -1.47 -4.94 -9.79
CA SER B 415 -2.28 -5.36 -10.91
C SER B 415 -2.51 -6.87 -10.81
N VAL B 416 -3.69 -7.38 -11.26
CA VAL B 416 -4.08 -8.79 -11.09
C VAL B 416 -4.65 -9.43 -12.39
N THR B 417 -4.32 -10.74 -12.59
CA THR B 417 -4.84 -11.63 -13.65
C THR B 417 -5.96 -12.52 -13.06
N THR B 418 -6.80 -13.17 -13.90
CA THR B 418 -7.87 -14.01 -13.35
C THR B 418 -7.27 -15.24 -12.68
N GLU B 419 -6.09 -15.69 -13.16
CA GLU B 419 -5.32 -16.81 -12.61
C GLU B 419 -4.90 -16.50 -11.16
N GLU B 420 -4.47 -15.25 -10.90
CA GLU B 420 -4.10 -14.84 -9.54
C GLU B 420 -5.35 -14.80 -8.65
N TRP B 421 -6.46 -14.29 -9.19
CA TRP B 421 -7.74 -14.22 -8.50
C TRP B 421 -8.24 -15.62 -8.11
N LYS B 422 -8.17 -16.61 -9.06
CA LYS B 422 -8.65 -17.97 -8.80
C LYS B 422 -7.73 -18.69 -7.81
N LYS B 423 -6.41 -18.45 -7.89
CA LYS B 423 -5.45 -19.02 -6.93
C LYS B 423 -5.73 -18.45 -5.53
N PHE B 424 -6.09 -17.15 -5.43
CA PHE B 424 -6.39 -16.51 -4.14
C PHE B 424 -7.72 -17.04 -3.57
N LEU B 425 -8.74 -17.21 -4.42
CA LEU B 425 -10.04 -17.77 -4.02
C LEU B 425 -9.88 -19.18 -3.42
N TYR B 426 -9.03 -20.02 -4.02
CA TYR B 426 -8.77 -21.37 -3.55
C TYR B 426 -7.91 -21.36 -2.27
N SER B 427 -7.03 -20.38 -2.12
CA SER B 427 -6.22 -20.34 -0.90
C SER B 427 -7.11 -19.90 0.27
N TYR B 428 -7.92 -18.85 0.04
CA TYR B 428 -8.84 -18.36 1.06
C TYR B 428 -9.87 -19.47 1.45
N PHE B 429 -10.56 -20.06 0.47
CA PHE B 429 -11.54 -21.10 0.75
C PHE B 429 -10.90 -22.51 0.63
N LYS B 430 -9.82 -22.73 1.39
CA LYS B 430 -9.06 -23.99 1.44
C LYS B 430 -9.92 -25.11 2.04
N ASP B 431 -10.89 -24.71 2.87
CA ASP B 431 -11.86 -25.56 3.54
C ASP B 431 -12.99 -26.04 2.60
N LYS B 432 -13.26 -25.28 1.50
CA LYS B 432 -14.35 -25.56 0.57
C LYS B 432 -13.87 -25.85 -0.89
N VAL B 433 -12.64 -26.38 -1.06
CA VAL B 433 -12.08 -26.75 -2.38
C VAL B 433 -12.98 -27.81 -3.07
N ASP B 434 -13.66 -28.63 -2.26
CA ASP B 434 -14.60 -29.68 -2.67
C ASP B 434 -15.82 -29.07 -3.37
N ILE B 435 -16.33 -27.92 -2.88
CA ILE B 435 -17.45 -27.28 -3.55
C ILE B 435 -16.91 -26.36 -4.68
N LEU B 436 -15.61 -25.95 -4.61
CA LEU B 436 -15.00 -25.10 -5.65
C LEU B 436 -14.74 -25.87 -6.95
N ASP B 437 -14.30 -27.12 -6.84
CA ASP B 437 -14.03 -27.98 -8.00
C ASP B 437 -15.33 -28.42 -8.70
N LYS B 438 -16.50 -28.06 -8.11
CA LYS B 438 -17.82 -28.39 -8.65
C LYS B 438 -18.33 -27.29 -9.61
N VAL B 439 -17.77 -26.07 -9.53
CA VAL B 439 -18.17 -24.98 -10.46
C VAL B 439 -17.57 -25.25 -11.86
N ASP B 440 -18.32 -24.90 -12.92
CA ASP B 440 -17.93 -25.07 -14.31
C ASP B 440 -17.13 -23.84 -14.72
N TRP B 441 -15.84 -23.84 -14.39
CA TRP B 441 -14.90 -22.75 -14.64
C TRP B 441 -14.72 -22.42 -16.12
N LYS B 442 -14.62 -23.45 -17.00
CA LYS B 442 -14.50 -23.30 -18.46
C LYS B 442 -15.76 -22.60 -19.02
N GLY B 443 -16.94 -23.05 -18.57
CA GLY B 443 -18.23 -22.48 -18.95
C GLY B 443 -18.39 -21.04 -18.50
N TRP B 444 -17.85 -20.72 -17.33
CA TRP B 444 -17.89 -19.37 -16.76
C TRP B 444 -16.83 -18.43 -17.36
N MET B 445 -15.59 -18.90 -17.60
CA MET B 445 -14.47 -18.05 -18.04
C MET B 445 -14.27 -17.95 -19.55
N HIS B 446 -14.40 -19.07 -20.28
CA HIS B 446 -14.05 -19.08 -21.71
C HIS B 446 -15.13 -19.68 -22.60
N THR B 447 -16.40 -19.41 -22.29
CA THR B 447 -17.49 -19.89 -23.12
C THR B 447 -18.39 -18.71 -23.47
N PRO B 448 -18.72 -18.50 -24.78
CA PRO B 448 -19.60 -17.36 -25.13
C PRO B 448 -21.04 -17.53 -24.63
N GLY B 449 -21.80 -16.44 -24.66
CA GLY B 449 -23.22 -16.42 -24.32
C GLY B 449 -23.56 -16.31 -22.85
N MET B 450 -24.71 -16.90 -22.48
CA MET B 450 -25.21 -16.85 -21.11
C MET B 450 -24.41 -17.78 -20.16
N PRO B 451 -24.28 -17.42 -18.87
CA PRO B 451 -23.50 -18.27 -17.93
C PRO B 451 -24.04 -19.68 -17.79
N PRO B 452 -23.19 -20.66 -17.39
CA PRO B 452 -23.67 -22.06 -17.31
C PRO B 452 -24.79 -22.30 -16.31
N VAL B 453 -24.74 -21.63 -15.15
CA VAL B 453 -25.73 -21.76 -14.07
C VAL B 453 -26.26 -20.36 -13.70
N GLN B 454 -27.56 -20.29 -13.33
CA GLN B 454 -28.21 -19.04 -12.91
C GLN B 454 -28.31 -18.99 -11.38
N PRO B 455 -27.87 -17.90 -10.74
CA PRO B 455 -27.99 -17.82 -9.27
C PRO B 455 -29.44 -17.73 -8.80
N LYS B 456 -29.72 -18.18 -7.55
CA LYS B 456 -31.06 -18.13 -6.96
C LYS B 456 -31.40 -16.69 -6.55
N TYR B 457 -32.48 -16.13 -7.11
CA TYR B 457 -32.90 -14.76 -6.81
C TYR B 457 -34.23 -14.69 -6.08
N ASP B 458 -34.40 -13.66 -5.23
CA ASP B 458 -35.67 -13.35 -4.59
C ASP B 458 -36.51 -12.65 -5.67
N MET B 459 -37.76 -13.10 -5.84
CA MET B 459 -38.65 -12.63 -6.91
C MET B 459 -39.73 -11.65 -6.42
N THR B 460 -39.68 -11.23 -5.14
CA THR B 460 -40.65 -10.32 -4.51
C THR B 460 -40.93 -9.06 -5.38
N LEU B 461 -39.87 -8.31 -5.75
CA LEU B 461 -40.01 -7.08 -6.52
C LEU B 461 -40.15 -7.30 -8.03
N ALA B 462 -39.64 -8.43 -8.54
CA ALA B 462 -39.65 -8.76 -9.96
C ALA B 462 -40.97 -9.32 -10.47
N ASN B 463 -41.73 -10.08 -9.63
CA ASN B 463 -42.97 -10.73 -9.99
C ASN B 463 -43.95 -9.81 -10.75
N ALA B 464 -44.14 -8.57 -10.29
CA ALA B 464 -45.03 -7.60 -10.93
C ALA B 464 -44.52 -7.18 -12.33
N CYS B 465 -43.18 -7.12 -12.53
CA CYS B 465 -42.53 -6.75 -13.80
C CYS B 465 -42.70 -7.83 -14.86
N ILE B 466 -42.46 -9.11 -14.50
CA ILE B 466 -42.57 -10.23 -15.45
C ILE B 466 -44.04 -10.40 -15.87
N THR B 467 -45.00 -10.24 -14.93
CA THR B 467 -46.44 -10.34 -15.20
C THR B 467 -46.88 -9.32 -16.26
N LEU B 468 -46.62 -8.01 -16.01
CA LEU B 468 -46.99 -6.92 -16.91
C LEU B 468 -46.40 -7.09 -18.33
N GLY B 469 -45.11 -7.43 -18.42
CA GLY B 469 -44.43 -7.67 -19.70
C GLY B 469 -45.09 -8.77 -20.50
N GLN B 470 -45.42 -9.89 -19.83
CA GLN B 470 -46.11 -11.06 -20.40
C GLN B 470 -47.50 -10.69 -20.91
N LYS B 471 -48.21 -9.84 -20.15
CA LYS B 471 -49.55 -9.35 -20.51
C LYS B 471 -49.48 -8.52 -21.79
N TRP B 472 -48.44 -7.67 -21.93
CA TRP B 472 -48.25 -6.81 -23.10
C TRP B 472 -47.88 -7.58 -24.38
N VAL B 473 -47.02 -8.61 -24.30
CA VAL B 473 -46.59 -9.37 -25.48
C VAL B 473 -47.71 -10.35 -25.95
N LYS B 474 -48.61 -10.76 -25.04
CA LYS B 474 -49.68 -11.71 -25.38
C LYS B 474 -51.03 -11.01 -25.58
N ALA B 475 -51.06 -9.66 -25.47
CA ALA B 475 -52.28 -8.90 -25.67
C ALA B 475 -52.63 -8.75 -27.15
N THR B 476 -53.92 -8.88 -27.46
CA THR B 476 -54.49 -8.67 -28.79
C THR B 476 -55.17 -7.29 -28.76
N GLU B 477 -55.61 -6.74 -29.91
CA GLU B 477 -56.29 -5.43 -30.02
C GLU B 477 -57.46 -5.35 -29.03
N SER B 478 -58.18 -6.47 -28.86
CA SER B 478 -59.32 -6.59 -27.94
C SER B 478 -58.93 -6.46 -26.45
N ASP B 479 -57.67 -6.81 -26.08
CA ASP B 479 -57.18 -6.77 -24.71
C ASP B 479 -56.64 -5.39 -24.29
N LEU B 480 -56.32 -4.53 -25.26
CA LEU B 480 -55.73 -3.20 -25.05
C LEU B 480 -56.52 -2.37 -24.04
N GLY B 481 -57.85 -2.51 -24.04
CA GLY B 481 -58.76 -1.81 -23.14
C GLY B 481 -58.64 -2.20 -21.67
N SER B 482 -58.09 -3.40 -21.39
CA SER B 482 -57.88 -3.92 -20.03
C SER B 482 -56.75 -3.20 -19.28
N PHE B 483 -55.73 -2.69 -20.02
CA PHE B 483 -54.58 -1.97 -19.45
C PHE B 483 -54.98 -0.58 -18.95
N SER B 484 -54.48 -0.20 -17.77
CA SER B 484 -54.77 1.09 -17.15
C SER B 484 -53.52 1.64 -16.42
N ALA B 485 -53.64 2.84 -15.79
CA ALA B 485 -52.55 3.48 -15.04
C ALA B 485 -52.13 2.61 -13.85
N ASP B 486 -53.07 1.80 -13.33
CA ASP B 486 -52.92 0.86 -12.19
C ASP B 486 -51.75 -0.11 -12.36
N ASP B 487 -51.42 -0.46 -13.61
CA ASP B 487 -50.36 -1.39 -13.98
C ASP B 487 -48.95 -0.91 -13.61
N VAL B 488 -48.70 0.41 -13.69
CA VAL B 488 -47.37 0.98 -13.42
C VAL B 488 -47.31 1.95 -12.23
N LYS B 489 -48.39 2.71 -11.97
CA LYS B 489 -48.41 3.82 -11.00
C LYS B 489 -47.84 3.50 -9.58
N ASP B 490 -47.84 2.22 -9.16
CA ASP B 490 -47.32 1.86 -7.84
C ASP B 490 -46.00 1.08 -7.94
N LEU B 491 -45.50 0.87 -9.17
CA LEU B 491 -44.19 0.30 -9.42
C LEU B 491 -43.14 1.39 -9.19
N SER B 492 -41.96 1.02 -8.70
CA SER B 492 -40.84 1.93 -8.53
C SER B 492 -40.18 2.18 -9.89
N SER B 493 -39.28 3.17 -9.98
CA SER B 493 -38.57 3.47 -11.23
C SER B 493 -37.77 2.25 -11.74
N HIS B 494 -37.11 1.50 -10.82
CA HIS B 494 -36.34 0.29 -11.16
C HIS B 494 -37.25 -0.83 -11.64
N GLN B 495 -38.47 -0.88 -11.12
CA GLN B 495 -39.49 -1.84 -11.56
C GLN B 495 -39.95 -1.50 -12.98
N LEU B 496 -40.09 -0.19 -13.29
CA LEU B 496 -40.48 0.28 -14.62
C LEU B 496 -39.33 0.01 -15.63
N ILE B 497 -38.05 0.12 -15.19
CA ILE B 497 -36.89 -0.15 -16.05
C ILE B 497 -36.91 -1.64 -16.48
N GLU B 498 -37.14 -2.54 -15.50
CA GLU B 498 -37.18 -3.99 -15.66
C GLU B 498 -38.28 -4.45 -16.65
N VAL B 499 -39.53 -3.96 -16.50
CA VAL B 499 -40.62 -4.36 -17.39
C VAL B 499 -40.29 -3.91 -18.85
N LEU B 500 -39.64 -2.73 -19.04
CA LEU B 500 -39.28 -2.22 -20.37
C LEU B 500 -38.16 -3.07 -20.98
N ALA B 501 -37.14 -3.43 -20.15
CA ALA B 501 -36.00 -4.27 -20.52
C ALA B 501 -36.48 -5.66 -20.97
N ILE B 502 -37.49 -6.20 -20.26
CA ILE B 502 -38.15 -7.48 -20.55
C ILE B 502 -38.76 -7.38 -21.96
N LEU B 503 -39.51 -6.28 -22.21
CA LEU B 503 -40.24 -6.03 -23.46
C LEU B 503 -39.30 -5.84 -24.64
N LEU B 504 -38.12 -5.26 -24.38
CA LEU B 504 -37.09 -5.02 -25.41
C LEU B 504 -36.42 -6.34 -25.85
N LEU B 505 -36.38 -7.36 -24.97
CA LEU B 505 -35.83 -8.67 -25.30
C LEU B 505 -36.89 -9.50 -26.01
N GLU B 506 -38.17 -9.17 -25.78
CA GLU B 506 -39.26 -9.87 -26.41
C GLU B 506 -39.46 -9.37 -27.86
N LYS B 507 -40.30 -10.08 -28.66
CA LYS B 507 -40.53 -9.78 -30.07
C LYS B 507 -41.12 -8.38 -30.31
N PRO B 508 -40.77 -7.70 -31.45
CA PRO B 508 -41.29 -6.35 -31.68
C PRO B 508 -42.79 -6.27 -31.53
N LEU B 509 -43.23 -5.33 -30.69
CA LEU B 509 -44.63 -5.10 -30.40
C LEU B 509 -45.34 -4.35 -31.53
N PRO B 510 -46.65 -4.60 -31.74
CA PRO B 510 -47.39 -3.81 -32.76
C PRO B 510 -47.43 -2.30 -32.43
N VAL B 511 -47.61 -1.46 -33.47
CA VAL B 511 -47.71 0.00 -33.31
C VAL B 511 -48.88 0.34 -32.35
N SER B 512 -50.00 -0.39 -32.46
CA SER B 512 -51.19 -0.20 -31.61
C SER B 512 -50.89 -0.35 -30.10
N HIS B 513 -49.99 -1.27 -29.74
CA HIS B 513 -49.64 -1.57 -28.35
C HIS B 513 -48.79 -0.47 -27.73
N VAL B 514 -47.78 0.05 -28.46
CA VAL B 514 -46.91 1.13 -27.97
C VAL B 514 -47.73 2.45 -27.91
N LYS B 515 -48.76 2.58 -28.76
CA LYS B 515 -49.68 3.72 -28.78
C LYS B 515 -50.57 3.66 -27.53
N ARG B 516 -50.97 2.43 -27.11
CA ARG B 516 -51.79 2.20 -25.92
C ARG B 516 -50.96 2.45 -24.67
N MET B 517 -49.65 2.08 -24.71
CA MET B 517 -48.74 2.32 -23.58
C MET B 517 -48.67 3.81 -23.28
N GLN B 518 -48.53 4.63 -24.31
CA GLN B 518 -48.46 6.08 -24.19
C GLN B 518 -49.76 6.63 -23.63
N GLU B 519 -50.89 6.05 -24.06
CA GLU B 519 -52.24 6.43 -23.66
C GLU B 519 -52.47 6.22 -22.14
N VAL B 520 -52.09 5.04 -21.57
CA VAL B 520 -52.36 4.69 -20.16
C VAL B 520 -51.18 4.95 -19.20
N TYR B 521 -49.92 4.97 -19.69
CA TYR B 521 -48.76 5.15 -18.82
C TYR B 521 -48.08 6.52 -18.97
N ASN B 522 -48.37 7.26 -20.08
CA ASN B 522 -47.79 8.57 -20.39
C ASN B 522 -46.25 8.58 -20.22
N LEU B 523 -45.58 7.61 -20.86
CA LEU B 523 -44.13 7.45 -20.77
C LEU B 523 -43.35 8.51 -21.56
N ASN B 524 -44.04 9.30 -22.41
CA ASN B 524 -43.42 10.37 -23.20
C ASN B 524 -42.96 11.54 -22.33
N ASP B 525 -43.57 11.76 -21.14
CA ASP B 525 -43.16 12.88 -20.29
C ASP B 525 -42.31 12.46 -19.06
N VAL B 526 -41.81 11.21 -19.04
CA VAL B 526 -40.94 10.72 -17.95
C VAL B 526 -39.53 11.26 -18.20
N LYS B 527 -38.98 12.02 -17.24
CA LYS B 527 -37.66 12.63 -17.34
C LYS B 527 -36.55 11.63 -17.07
N ASN B 528 -36.81 10.60 -16.24
CA ASN B 528 -35.83 9.56 -15.87
C ASN B 528 -35.27 8.93 -17.15
N SER B 529 -33.96 9.16 -17.35
CA SER B 529 -33.11 8.77 -18.49
C SER B 529 -33.12 7.29 -18.81
N GLU B 530 -33.04 6.41 -17.80
CA GLU B 530 -33.00 4.95 -17.99
C GLU B 530 -34.33 4.44 -18.49
N ILE B 531 -35.45 5.05 -18.03
CA ILE B 531 -36.81 4.72 -18.43
C ILE B 531 -37.05 5.24 -19.85
N ARG B 532 -36.73 6.53 -20.09
CA ARG B 532 -36.94 7.20 -21.37
C ARG B 532 -36.20 6.51 -22.52
N PHE B 533 -34.90 6.16 -22.33
CA PHE B 533 -34.07 5.50 -23.36
C PHE B 533 -34.71 4.17 -23.81
N ARG B 534 -35.16 3.35 -22.84
CA ARG B 534 -35.80 2.06 -23.09
C ARG B 534 -37.15 2.23 -23.77
N TRP B 535 -37.93 3.24 -23.34
CA TRP B 535 -39.24 3.55 -23.89
C TRP B 535 -39.12 3.98 -25.35
N LEU B 536 -38.13 4.84 -25.67
CA LEU B 536 -37.90 5.31 -27.04
C LEU B 536 -37.44 4.15 -27.94
N ARG B 537 -36.48 3.32 -27.46
CA ARG B 537 -35.96 2.14 -28.18
C ARG B 537 -37.05 1.13 -28.52
N LEU B 538 -38.00 0.92 -27.59
CA LEU B 538 -39.15 0.02 -27.76
C LEU B 538 -40.07 0.51 -28.88
N CYS B 539 -40.29 1.84 -28.94
CA CYS B 539 -41.15 2.48 -29.94
C CYS B 539 -40.52 2.42 -31.33
N ILE B 540 -39.16 2.59 -31.43
CA ILE B 540 -38.42 2.49 -32.71
C ILE B 540 -38.53 1.04 -33.21
N ARG B 541 -38.38 0.05 -32.28
CA ARG B 541 -38.48 -1.39 -32.53
C ARG B 541 -39.85 -1.80 -33.09
N ALA B 542 -40.91 -1.09 -32.65
CA ALA B 542 -42.31 -1.25 -33.00
C ALA B 542 -42.65 -0.63 -34.37
N GLY B 543 -41.82 0.32 -34.83
CA GLY B 543 -42.01 1.01 -36.10
C GLY B 543 -42.96 2.19 -36.02
N TRP B 544 -42.99 2.84 -34.85
CA TRP B 544 -43.83 4.00 -34.60
C TRP B 544 -43.11 5.26 -35.07
N GLU B 545 -43.65 5.91 -36.11
CA GLU B 545 -43.10 7.11 -36.76
C GLU B 545 -43.11 8.33 -35.84
N ASP B 546 -44.08 8.41 -34.93
CA ASP B 546 -44.30 9.52 -34.00
C ASP B 546 -43.15 9.72 -33.00
N VAL B 547 -42.36 8.66 -32.73
CA VAL B 547 -41.26 8.68 -31.79
C VAL B 547 -39.91 9.15 -32.43
N ILE B 548 -39.83 9.22 -33.79
CA ILE B 548 -38.60 9.63 -34.51
C ILE B 548 -38.08 11.01 -33.99
N PRO B 549 -38.89 12.10 -33.87
CA PRO B 549 -38.32 13.37 -33.37
C PRO B 549 -37.94 13.35 -31.87
N LEU B 550 -38.47 12.39 -31.07
CA LEU B 550 -38.16 12.24 -29.64
C LEU B 550 -36.85 11.49 -29.45
N ALA B 551 -36.65 10.41 -30.24
CA ALA B 551 -35.44 9.58 -30.20
C ALA B 551 -34.24 10.39 -30.69
N LEU B 552 -34.43 11.21 -31.76
CA LEU B 552 -33.41 12.09 -32.31
C LEU B 552 -33.01 13.16 -31.30
N ALA B 553 -34.00 13.68 -30.54
CA ALA B 553 -33.83 14.69 -29.51
C ALA B 553 -32.92 14.17 -28.41
N MET B 554 -33.28 13.03 -27.77
CA MET B 554 -32.51 12.41 -26.68
C MET B 554 -31.11 11.99 -27.14
N ALA B 555 -30.96 11.54 -28.41
CA ALA B 555 -29.68 11.12 -28.97
C ALA B 555 -28.75 12.30 -29.23
N THR B 556 -29.28 13.52 -29.40
CA THR B 556 -28.47 14.71 -29.67
C THR B 556 -28.35 15.66 -28.46
N GLU B 557 -29.32 15.65 -27.53
CA GLU B 557 -29.23 16.55 -26.38
C GLU B 557 -28.29 15.99 -25.28
N GLN B 558 -28.00 14.66 -25.33
CA GLN B 558 -27.14 13.88 -24.43
C GLN B 558 -26.22 12.94 -25.24
N GLY B 559 -24.94 12.83 -24.83
CA GLY B 559 -23.95 12.02 -25.55
C GLY B 559 -23.40 10.81 -24.82
N ARG B 560 -24.15 10.31 -23.83
CA ARG B 560 -23.78 9.10 -23.08
C ARG B 560 -23.99 7.92 -24.03
N MET B 561 -22.88 7.24 -24.38
CA MET B 561 -22.82 6.13 -25.34
C MET B 561 -23.86 5.05 -25.08
N LYS B 562 -24.14 4.72 -23.79
CA LYS B 562 -25.16 3.74 -23.40
C LYS B 562 -26.53 4.09 -24.00
N PHE B 563 -26.82 5.39 -24.12
CA PHE B 563 -28.08 5.86 -24.65
C PHE B 563 -28.00 6.29 -26.13
N THR B 564 -27.03 7.16 -26.48
CA THR B 564 -26.84 7.74 -27.83
C THR B 564 -26.56 6.66 -28.91
N ARG B 565 -25.56 5.77 -28.69
CA ARG B 565 -25.17 4.72 -29.64
C ARG B 565 -26.38 3.79 -30.02
N PRO B 566 -27.13 3.13 -29.08
CA PRO B 566 -28.27 2.30 -29.51
C PRO B 566 -29.40 3.08 -30.18
N LEU B 567 -29.70 4.31 -29.71
CA LEU B 567 -30.76 5.13 -30.30
C LEU B 567 -30.47 5.43 -31.78
N TYR B 568 -29.20 5.77 -32.11
CA TYR B 568 -28.74 6.02 -33.48
C TYR B 568 -28.80 4.76 -34.35
N ARG B 569 -28.36 3.59 -33.81
CA ARG B 569 -28.35 2.30 -34.49
C ARG B 569 -29.77 1.89 -34.89
N ASP B 570 -30.68 1.88 -33.90
CA ASP B 570 -32.09 1.55 -34.07
C ASP B 570 -32.77 2.50 -35.06
N LEU B 571 -32.45 3.82 -34.98
CA LEU B 571 -33.01 4.84 -35.86
C LEU B 571 -32.56 4.63 -37.33
N TYR B 572 -31.31 4.14 -37.53
CA TYR B 572 -30.74 3.86 -38.85
C TYR B 572 -31.43 2.63 -39.48
N ASN B 573 -31.65 1.57 -38.68
CA ASN B 573 -32.30 0.34 -39.13
C ASN B 573 -33.80 0.54 -39.38
N PHE B 574 -34.33 1.73 -38.99
CA PHE B 574 -35.71 2.15 -39.18
C PHE B 574 -35.80 2.96 -40.49
N GLU B 575 -36.19 2.27 -41.58
CA GLU B 575 -36.31 2.73 -42.97
C GLU B 575 -36.86 4.16 -43.12
N LYS B 576 -38.00 4.45 -42.47
CA LYS B 576 -38.68 5.75 -42.52
C LYS B 576 -37.82 6.88 -41.92
N ALA B 577 -37.03 6.56 -40.89
CA ALA B 577 -36.18 7.51 -40.18
C ALA B 577 -34.77 7.67 -40.77
N ARG B 578 -34.21 6.60 -41.38
CA ARG B 578 -32.85 6.49 -41.94
C ARG B 578 -32.27 7.79 -42.54
N GLU B 579 -33.02 8.47 -43.43
CA GLU B 579 -32.56 9.70 -44.09
C GLU B 579 -32.28 10.83 -43.09
N GLN B 580 -33.27 11.18 -42.26
CA GLN B 580 -33.22 12.25 -41.26
C GLN B 580 -32.15 12.01 -40.19
N THR B 581 -31.94 10.74 -39.77
CA THR B 581 -30.98 10.37 -38.74
C THR B 581 -29.53 10.57 -39.20
N VAL B 582 -29.23 10.19 -40.46
CA VAL B 582 -27.90 10.35 -41.08
C VAL B 582 -27.60 11.85 -41.16
N ASN B 583 -28.58 12.65 -41.63
CA ASN B 583 -28.48 14.10 -41.75
C ASN B 583 -28.43 14.79 -40.38
N THR B 584 -29.05 14.19 -39.34
CA THR B 584 -29.02 14.74 -37.97
C THR B 584 -27.60 14.59 -37.39
N PHE B 585 -26.90 13.45 -37.63
CA PHE B 585 -25.54 13.32 -37.10
C PHE B 585 -24.54 14.17 -37.89
N LEU B 586 -24.76 14.40 -39.21
CA LEU B 586 -23.87 15.21 -40.06
C LEU B 586 -23.90 16.69 -39.63
N LYS B 587 -25.00 17.12 -39.01
CA LYS B 587 -25.22 18.48 -38.47
C LYS B 587 -24.72 18.62 -37.01
N ASN B 588 -24.43 17.49 -36.34
CA ASN B 588 -23.96 17.46 -34.93
C ASN B 588 -22.55 16.83 -34.78
N ARG B 589 -21.95 16.43 -35.94
CA ARG B 589 -20.65 15.78 -36.12
C ARG B 589 -19.48 16.48 -35.42
N SER B 590 -19.45 17.82 -35.48
CA SER B 590 -18.39 18.65 -34.91
C SER B 590 -18.56 18.92 -33.39
N PHE B 591 -19.80 18.78 -32.89
CA PHE B 591 -20.14 19.09 -31.50
C PHE B 591 -20.13 17.85 -30.56
N MET B 592 -19.70 16.66 -31.06
CA MET B 592 -19.68 15.42 -30.27
C MET B 592 -18.27 15.00 -29.79
N HIS B 593 -18.21 14.08 -28.79
CA HIS B 593 -16.98 13.49 -28.24
C HIS B 593 -16.31 12.60 -29.32
N PRO B 594 -14.95 12.58 -29.46
CA PRO B 594 -14.32 11.77 -30.53
C PRO B 594 -14.61 10.27 -30.49
N VAL B 595 -14.77 9.67 -29.29
CA VAL B 595 -15.04 8.22 -29.16
C VAL B 595 -16.49 7.95 -29.64
N THR B 596 -17.42 8.85 -29.30
CA THR B 596 -18.85 8.77 -29.66
C THR B 596 -19.05 9.02 -31.17
N GLU B 597 -18.35 10.04 -31.73
CA GLU B 597 -18.43 10.47 -33.13
C GLU B 597 -17.79 9.44 -34.10
N MET B 598 -16.81 8.66 -33.64
CA MET B 598 -16.11 7.69 -34.49
C MET B 598 -16.93 6.42 -34.72
N LEU B 599 -17.64 5.96 -33.68
CA LEU B 599 -18.41 4.72 -33.70
C LEU B 599 -19.68 4.78 -34.58
N VAL B 600 -19.95 5.92 -35.24
CA VAL B 600 -21.08 6.05 -36.17
C VAL B 600 -20.63 5.60 -37.57
N ALA B 601 -19.32 5.69 -37.87
CA ALA B 601 -18.73 5.25 -39.14
C ALA B 601 -18.88 3.73 -39.30
N LYS B 602 -19.02 3.02 -38.15
CA LYS B 602 -19.23 1.58 -38.05
C LYS B 602 -20.74 1.26 -37.99
N ASP B 603 -21.53 2.07 -37.24
CA ASP B 603 -22.95 1.81 -37.06
C ASP B 603 -23.80 2.32 -38.23
N LEU B 604 -23.66 3.62 -38.60
CA LEU B 604 -24.41 4.27 -39.69
C LEU B 604 -23.81 3.95 -41.09
N HIS B 605 -22.83 3.01 -41.13
CA HIS B 605 -22.09 2.40 -42.25
C HIS B 605 -21.05 3.33 -42.90
N ILE B 606 -21.45 4.52 -43.41
CA ILE B 606 -20.60 5.55 -44.05
C ILE B 606 -19.88 4.97 -45.31
ZN ZN C . 11.18 -4.92 17.90
N2 BES D . 14.98 -3.77 16.10
C1 BES D . 14.75 -3.97 17.51
C6 BES D . 16.05 -3.75 18.30
C7 BES D . 16.69 -2.40 18.03
C8 BES D . 16.11 -1.21 18.51
C12 BES D . 17.89 -2.35 17.30
C9 BES D . 16.71 0.03 18.25
C11 BES D . 18.49 -1.11 17.05
C10 BES D . 17.91 0.08 17.53
C2 BES D . 14.28 -5.40 17.69
O2 BES D . 13.30 -5.83 16.74
C3 BES D . 13.87 -5.73 19.09
O3 BES D . 12.94 -5.16 19.65
N1 BES D . 14.60 -6.70 19.62
C4 BES D . 14.47 -7.27 20.95
C13 BES D . 13.65 -8.54 20.70
C14 BES D . 12.70 -8.85 21.87
C15 BES D . 11.44 -8.00 21.87
C16 BES D . 12.34 -10.33 21.91
C5 BES D . 15.84 -7.60 21.48
O1 BES D . 16.80 -7.61 20.68
O4 BES D . 15.99 -7.84 22.70
ZN ZN E . -17.20 0.65 -13.06
N2 BES F . -15.04 2.83 -15.72
C1 BES F . -16.42 2.70 -16.14
C6 BES F . -16.67 3.57 -17.36
C7 BES F . -15.81 3.13 -18.53
C8 BES F . -15.01 4.09 -19.18
C12 BES F . -15.80 1.80 -18.99
C9 BES F . -14.21 3.70 -20.28
C11 BES F . -15.00 1.43 -20.07
C10 BES F . -14.21 2.39 -20.73
C2 BES F . -17.34 3.04 -14.97
O2 BES F . -16.78 2.55 -13.73
C3 BES F . -18.71 2.45 -15.18
O3 BES F . -18.92 1.27 -14.98
N1 BES F . -19.66 3.32 -15.55
C4 BES F . -21.06 2.96 -15.81
C13 BES F . -21.79 3.31 -14.52
C14 BES F . -22.67 2.20 -13.96
C15 BES F . -22.14 0.77 -14.09
C16 BES F . -23.01 2.49 -12.51
C5 BES F . -21.64 3.70 -16.98
O1 BES F . -21.09 4.76 -17.35
O4 BES F . -22.64 3.22 -17.55
#